data_4IU9
#
_entry.id   4IU9
#
_cell.length_a   117.439
_cell.length_b   118.211
_cell.length_c   127.056
_cell.angle_alpha   90.00
_cell.angle_beta   90.00
_cell.angle_gamma   90.00
#
_symmetry.space_group_name_H-M   'P 21 21 21'
#
_entity_poly.entity_id   1
_entity_poly.type   'polypeptide(L)'
_entity_poly.pdbx_seq_one_letter_code
;MALQNEKNSRYLLRDWKPENPAFWENKGKHIARRNLWISVSCLLLAFCVWMLFSAVTVNLNKIGFNFTTDQLFLLTALPS
VSGALLRVPYSFMVPIFGGRRWTVFSTAILIIPCVWLGIAVQNPNTPFGIFIVIALLCGFAGANFASSMGNISFFFPKAK
QGSALGINGGLGNLGVSVMQLVAPLVIFVPVFAFLGVNGVPQADGSVMSLANAAWIWVPLLAIATIAAWSGMNDIASSRA
SIADQLPVLQRLHLWLLSLLYLATFGSFIGFSAGFAMLAKTQFPDVNILRLAFFGPFIGAIARSVGGAISDKFGGVRVTL
INFIFMAIFSALLFLTLPGTGSGNFIAFYAVFMGLFLTAGLGSGSTFQMIAVIFRQITIYRVKMKGGSDEQAHKEAVTET
AAALGFISAIGAVGGFFIPQAFGMSLNMTGSPVGAMKVFLIFYIVCVLLTWLVYGRRKFSQKLEVLFQ
;
_entity_poly.pdbx_strand_id   B,A
#
# COMPACT_ATOMS: atom_id res chain seq x y z
N LEU A 12 -14.48 -13.41 0.53
CA LEU A 12 -13.06 -13.27 0.18
C LEU A 12 -12.61 -14.45 -0.67
N LEU A 13 -11.87 -14.14 -1.73
CA LEU A 13 -11.38 -15.14 -2.66
C LEU A 13 -9.90 -15.36 -2.46
N ARG A 14 -9.55 -16.24 -1.51
CA ARG A 14 -8.16 -16.62 -1.31
C ARG A 14 -7.79 -17.57 -2.45
N ASP A 15 -6.53 -17.52 -2.86
CA ASP A 15 -6.07 -18.29 -4.01
C ASP A 15 -6.87 -17.88 -5.25
N TRP A 16 -6.63 -16.68 -5.76
CA TRP A 16 -7.23 -16.27 -7.03
C TRP A 16 -6.18 -16.04 -8.13
N LYS A 17 -5.89 -17.09 -8.89
CA LYS A 17 -5.00 -17.01 -10.04
C LYS A 17 -5.78 -17.32 -11.31
N PRO A 18 -6.16 -16.28 -12.06
CA PRO A 18 -7.12 -16.46 -13.16
C PRO A 18 -6.44 -16.63 -14.50
N GLU A 19 -5.12 -16.46 -14.53
CA GLU A 19 -4.41 -16.53 -15.79
C GLU A 19 -4.47 -17.95 -16.35
N ASN A 20 -4.10 -18.92 -15.51
CA ASN A 20 -4.06 -20.36 -15.81
C ASN A 20 -5.35 -20.97 -16.35
N PRO A 21 -5.35 -21.35 -17.65
CA PRO A 21 -6.55 -21.72 -18.42
C PRO A 21 -7.41 -22.74 -17.71
N ALA A 22 -6.77 -23.66 -17.01
CA ALA A 22 -7.46 -24.63 -16.20
C ALA A 22 -8.39 -23.99 -15.16
N PHE A 23 -7.81 -23.28 -14.20
CA PHE A 23 -8.54 -22.62 -13.10
C PHE A 23 -9.68 -21.75 -13.64
N TRP A 24 -9.36 -21.01 -14.69
CA TRP A 24 -10.32 -20.13 -15.33
C TRP A 24 -11.50 -20.92 -15.88
N GLU A 25 -11.22 -21.90 -16.74
CA GLU A 25 -12.30 -22.61 -17.41
C GLU A 25 -13.13 -23.44 -16.45
N ASN A 26 -12.52 -23.83 -15.34
CA ASN A 26 -13.17 -24.75 -14.40
C ASN A 26 -13.98 -24.02 -13.34
N LYS A 27 -13.36 -23.03 -12.69
CA LYS A 27 -13.97 -22.25 -11.61
C LYS A 27 -13.24 -20.91 -11.50
N GLY A 28 -13.45 -20.06 -12.50
CA GLY A 28 -12.84 -18.74 -12.53
C GLY A 28 -13.73 -17.81 -13.31
N LYS A 29 -13.92 -18.16 -14.59
CA LYS A 29 -14.80 -17.44 -15.49
C LYS A 29 -16.26 -17.36 -15.05
N HIS A 30 -16.68 -18.20 -14.11
CA HIS A 30 -18.04 -18.14 -13.60
C HIS A 30 -18.14 -17.12 -12.48
N ILE A 31 -17.10 -17.09 -11.64
CA ILE A 31 -16.96 -16.03 -10.66
C ILE A 31 -16.81 -14.69 -11.38
N ALA A 32 -15.92 -14.66 -12.36
CA ALA A 32 -15.68 -13.45 -13.12
C ALA A 32 -16.94 -13.00 -13.83
N ARG A 33 -17.65 -13.92 -14.47
CA ARG A 33 -18.87 -13.52 -15.17
C ARG A 33 -19.97 -12.99 -14.25
N ARG A 34 -20.20 -13.66 -13.13
CA ARG A 34 -21.19 -13.13 -12.21
C ARG A 34 -20.78 -11.74 -11.76
N ASN A 35 -19.54 -11.63 -11.29
CA ASN A 35 -19.06 -10.33 -10.86
C ASN A 35 -19.17 -9.28 -11.96
N LEU A 36 -19.13 -9.71 -13.22
CA LEU A 36 -19.21 -8.78 -14.34
C LEU A 36 -20.61 -8.26 -14.45
N TRP A 37 -21.58 -9.14 -14.31
CA TRP A 37 -22.97 -8.68 -14.46
C TRP A 37 -23.48 -7.82 -13.28
N ILE A 38 -23.12 -8.19 -12.06
CA ILE A 38 -23.40 -7.30 -10.94
C ILE A 38 -22.70 -5.94 -11.15
N SER A 39 -21.42 -5.98 -11.50
CA SER A 39 -20.66 -4.74 -11.75
C SER A 39 -21.33 -3.86 -12.82
N VAL A 40 -21.76 -4.48 -13.92
CA VAL A 40 -22.45 -3.70 -14.95
C VAL A 40 -23.76 -3.05 -14.49
N SER A 41 -24.58 -3.76 -13.73
CA SER A 41 -25.81 -3.12 -13.27
C SER A 41 -25.51 -1.94 -12.36
N CYS A 42 -24.59 -2.11 -11.42
CA CYS A 42 -24.25 -0.97 -10.56
C CYS A 42 -23.69 0.28 -11.30
N LEU A 43 -22.84 0.05 -12.31
CA LEU A 43 -22.33 1.14 -13.15
C LEU A 43 -23.42 1.82 -13.95
N LEU A 44 -24.27 1.04 -14.61
CA LEU A 44 -25.36 1.63 -15.37
C LEU A 44 -26.19 2.53 -14.45
N LEU A 45 -26.55 2.05 -13.26
CA LEU A 45 -27.32 2.95 -12.38
C LEU A 45 -26.51 4.19 -11.94
N ALA A 46 -25.22 4.01 -11.71
CA ALA A 46 -24.39 5.14 -11.28
C ALA A 46 -24.40 6.24 -12.32
N PHE A 47 -24.37 5.85 -13.58
CA PHE A 47 -24.49 6.83 -14.65
C PHE A 47 -25.87 7.41 -14.73
N CYS A 48 -26.90 6.59 -14.51
CA CYS A 48 -28.25 7.11 -14.48
C CYS A 48 -28.39 8.25 -13.47
N VAL A 49 -27.89 8.03 -12.25
CA VAL A 49 -27.94 9.05 -11.19
C VAL A 49 -27.00 10.22 -11.47
N TRP A 50 -25.82 9.93 -11.99
CA TRP A 50 -24.81 10.95 -12.24
C TRP A 50 -25.34 12.12 -13.08
N MET A 51 -25.96 11.78 -14.21
CA MET A 51 -26.40 12.74 -15.22
C MET A 51 -27.88 13.07 -15.09
N LEU A 52 -28.45 12.88 -13.90
CA LEU A 52 -29.87 13.10 -13.66
C LEU A 52 -30.36 14.53 -13.99
N PHE A 53 -29.62 15.55 -13.54
CA PHE A 53 -30.09 16.93 -13.66
C PHE A 53 -30.41 17.30 -15.09
N SER A 54 -29.72 16.68 -16.03
CA SER A 54 -29.89 16.98 -17.45
C SER A 54 -31.34 16.88 -17.93
N ALA A 55 -32.16 16.10 -17.21
CA ALA A 55 -33.57 16.00 -17.57
C ALA A 55 -34.53 16.42 -16.45
N VAL A 56 -33.99 16.96 -15.36
CA VAL A 56 -34.85 17.54 -14.32
C VAL A 56 -34.97 19.05 -14.55
N THR A 57 -33.86 19.70 -14.89
CA THR A 57 -33.84 21.16 -15.05
C THR A 57 -34.76 21.71 -16.15
N VAL A 58 -34.69 21.14 -17.35
CA VAL A 58 -35.67 21.37 -18.42
C VAL A 58 -37.15 21.35 -17.97
N ASN A 59 -37.41 20.87 -16.74
CA ASN A 59 -38.77 20.77 -16.23
C ASN A 59 -38.95 21.59 -14.98
N LEU A 60 -37.85 21.87 -14.29
CA LEU A 60 -37.89 22.58 -13.02
C LEU A 60 -38.70 23.90 -13.05
N ASN A 61 -38.45 24.76 -14.03
CA ASN A 61 -39.20 26.05 -14.14
C ASN A 61 -40.66 25.92 -14.60
N LYS A 62 -41.14 24.66 -14.69
CA LYS A 62 -42.45 24.34 -15.24
C LYS A 62 -43.33 23.88 -14.10
N ILE A 63 -42.82 24.00 -12.89
CA ILE A 63 -43.36 23.25 -11.77
C ILE A 63 -43.62 24.14 -10.55
N GLY A 64 -43.13 25.39 -10.59
CA GLY A 64 -43.33 26.38 -9.54
C GLY A 64 -42.08 27.24 -9.37
N PHE A 65 -40.95 26.70 -9.77
CA PHE A 65 -39.66 27.34 -9.56
C PHE A 65 -39.48 28.47 -10.53
N ASN A 66 -38.53 29.35 -10.21
CA ASN A 66 -38.19 30.50 -11.04
C ASN A 66 -36.68 30.70 -11.17
N PHE A 67 -35.99 29.69 -11.71
CA PHE A 67 -34.53 29.72 -11.83
C PHE A 67 -34.05 30.30 -13.16
N THR A 68 -32.94 31.02 -13.12
CA THR A 68 -32.49 31.67 -14.34
C THR A 68 -31.83 30.64 -15.23
N THR A 69 -31.55 31.02 -16.47
CA THR A 69 -30.93 30.09 -17.41
C THR A 69 -29.50 29.73 -16.96
N ASP A 70 -28.73 30.74 -16.55
CA ASP A 70 -27.35 30.50 -16.11
C ASP A 70 -27.31 29.53 -14.92
N GLN A 71 -28.35 29.58 -14.09
CA GLN A 71 -28.50 28.70 -12.93
C GLN A 71 -28.77 27.23 -13.28
N LEU A 72 -29.66 27.02 -14.24
CA LEU A 72 -29.99 25.69 -14.72
C LEU A 72 -28.77 25.08 -15.40
N PHE A 73 -28.13 25.83 -16.29
CA PHE A 73 -26.91 25.33 -16.93
C PHE A 73 -25.83 25.00 -15.90
N LEU A 74 -25.72 25.83 -14.86
CA LEU A 74 -24.80 25.54 -13.77
C LEU A 74 -25.16 24.24 -13.06
N LEU A 75 -26.45 23.99 -12.89
CA LEU A 75 -26.91 22.75 -12.24
C LEU A 75 -26.53 21.51 -13.04
N THR A 76 -26.77 21.50 -14.35
CA THR A 76 -26.40 20.31 -15.11
C THR A 76 -24.88 20.18 -15.20
N ALA A 77 -24.16 21.29 -15.21
CA ALA A 77 -22.70 21.21 -15.29
C ALA A 77 -21.99 20.91 -13.96
N LEU A 78 -22.70 21.09 -12.85
CA LEU A 78 -22.11 20.99 -11.52
C LEU A 78 -21.68 19.59 -11.08
N PRO A 79 -22.51 18.55 -11.34
CA PRO A 79 -22.12 17.20 -10.94
C PRO A 79 -20.73 16.81 -11.42
N SER A 80 -20.44 17.10 -12.68
CA SER A 80 -19.16 16.71 -13.28
C SER A 80 -17.96 17.27 -12.52
N VAL A 81 -18.15 18.37 -11.79
CA VAL A 81 -17.09 18.93 -10.95
C VAL A 81 -16.80 18.00 -9.77
N SER A 82 -17.84 17.35 -9.25
CA SER A 82 -17.68 16.47 -8.10
C SER A 82 -17.24 15.08 -8.51
N GLY A 83 -17.55 14.69 -9.74
CA GLY A 83 -17.19 13.38 -10.24
C GLY A 83 -15.78 13.32 -10.79
N ALA A 84 -15.37 14.38 -11.50
CA ALA A 84 -14.05 14.46 -12.10
C ALA A 84 -12.97 14.65 -11.07
N LEU A 85 -13.37 14.95 -9.84
CA LEU A 85 -12.41 15.20 -8.78
C LEU A 85 -12.30 14.01 -7.82
N LEU A 86 -13.30 13.13 -7.85
CA LEU A 86 -13.38 12.03 -6.90
C LEU A 86 -12.99 10.68 -7.52
N ARG A 87 -12.64 10.68 -8.79
CA ARG A 87 -12.30 9.45 -9.45
C ARG A 87 -10.91 9.01 -9.04
N VAL A 88 -10.01 9.97 -8.87
CA VAL A 88 -8.66 9.65 -8.44
C VAL A 88 -8.58 9.06 -7.02
N PRO A 89 -9.42 9.54 -6.08
CA PRO A 89 -9.50 8.81 -4.81
C PRO A 89 -10.29 7.50 -4.90
N TYR A 90 -11.43 7.51 -5.60
CA TYR A 90 -12.24 6.30 -5.76
C TYR A 90 -11.47 5.11 -6.34
N SER A 91 -10.53 5.38 -7.26
CA SER A 91 -9.74 4.29 -7.83
C SER A 91 -8.89 3.66 -6.73
N PHE A 92 -8.20 4.50 -5.96
CA PHE A 92 -7.40 4.03 -4.82
C PHE A 92 -8.22 3.54 -3.63
N MET A 93 -9.55 3.63 -3.71
CA MET A 93 -10.38 3.18 -2.60
C MET A 93 -10.68 1.67 -2.62
N VAL A 94 -10.55 1.05 -3.79
CA VAL A 94 -10.96 -0.36 -3.99
C VAL A 94 -10.03 -1.44 -3.37
N PRO A 95 -8.70 -1.31 -3.54
CA PRO A 95 -7.83 -2.29 -2.87
C PRO A 95 -7.80 -2.18 -1.33
N ILE A 96 -8.85 -1.65 -0.72
CA ILE A 96 -8.89 -1.43 0.72
C ILE A 96 -10.12 -2.06 1.36
N PHE A 97 -11.30 -1.76 0.80
CA PHE A 97 -12.57 -2.31 1.28
C PHE A 97 -13.00 -3.51 0.42
N GLY A 98 -12.37 -3.66 -0.73
CA GLY A 98 -12.76 -4.67 -1.70
C GLY A 98 -13.84 -4.16 -2.63
N GLY A 99 -13.78 -4.57 -3.88
CA GLY A 99 -14.77 -4.18 -4.87
C GLY A 99 -16.14 -4.82 -4.71
N ARG A 100 -16.52 -5.11 -3.47
CA ARG A 100 -17.88 -5.52 -3.14
C ARG A 100 -18.41 -4.59 -2.07
N ARG A 101 -17.69 -4.53 -0.95
CA ARG A 101 -18.05 -3.64 0.14
C ARG A 101 -17.98 -2.18 -0.30
N TRP A 102 -17.16 -1.90 -1.30
CA TRP A 102 -17.05 -0.57 -1.87
C TRP A 102 -17.91 -0.44 -3.13
N THR A 103 -18.70 -1.46 -3.40
CA THR A 103 -19.74 -1.29 -4.39
C THR A 103 -21.05 -1.15 -3.63
N VAL A 104 -21.21 -1.99 -2.61
CA VAL A 104 -22.34 -1.90 -1.68
C VAL A 104 -22.46 -0.48 -1.13
N PHE A 105 -21.37 0.01 -0.55
CA PHE A 105 -21.32 1.37 0.01
C PHE A 105 -21.48 2.41 -1.08
N SER A 106 -20.62 2.35 -2.09
CA SER A 106 -20.60 3.36 -3.14
C SER A 106 -21.84 3.30 -4.03
N THR A 107 -22.84 2.55 -3.62
CA THR A 107 -24.09 2.48 -4.37
C THR A 107 -25.31 2.81 -3.49
N ALA A 108 -25.25 2.49 -2.20
CA ALA A 108 -26.31 2.86 -1.27
C ALA A 108 -26.35 4.37 -0.98
N ILE A 109 -25.21 5.03 -1.10
CA ILE A 109 -25.16 6.46 -0.81
C ILE A 109 -25.71 7.29 -1.96
N LEU A 110 -26.19 6.66 -3.01
CA LEU A 110 -26.85 7.44 -4.07
C LEU A 110 -28.34 7.59 -3.74
N ILE A 111 -28.83 6.70 -2.88
CA ILE A 111 -30.17 6.84 -2.34
C ILE A 111 -30.31 8.22 -1.70
N ILE A 112 -29.22 8.71 -1.09
CA ILE A 112 -29.27 10.03 -0.49
C ILE A 112 -29.66 11.11 -1.49
N PRO A 113 -28.84 11.38 -2.53
CA PRO A 113 -29.32 12.41 -3.45
C PRO A 113 -30.57 12.04 -4.22
N CYS A 114 -30.88 10.76 -4.41
CA CYS A 114 -32.13 10.44 -5.11
C CYS A 114 -33.38 10.82 -4.27
N VAL A 115 -33.45 10.27 -3.05
CA VAL A 115 -34.55 10.60 -2.14
C VAL A 115 -34.62 12.08 -1.77
N TRP A 116 -33.46 12.74 -1.68
CA TRP A 116 -33.40 14.16 -1.36
C TRP A 116 -33.93 15.00 -2.53
N LEU A 117 -33.39 14.77 -3.73
CA LEU A 117 -33.89 15.49 -4.91
C LEU A 117 -35.37 15.26 -5.14
N GLY A 118 -35.91 14.10 -4.73
CA GLY A 118 -37.35 13.90 -4.80
C GLY A 118 -38.10 14.80 -3.83
N ILE A 119 -37.43 15.18 -2.75
CA ILE A 119 -38.02 16.07 -1.77
C ILE A 119 -37.99 17.54 -2.25
N ALA A 120 -36.84 18.05 -2.67
CA ALA A 120 -36.76 19.49 -3.02
C ALA A 120 -37.74 19.90 -4.12
N VAL A 121 -37.71 19.18 -5.23
CA VAL A 121 -38.63 19.36 -6.36
C VAL A 121 -40.14 19.51 -6.02
N GLN A 122 -40.57 19.10 -4.82
CA GLN A 122 -41.97 19.25 -4.40
C GLN A 122 -42.21 20.65 -3.84
N ASN A 123 -41.24 21.13 -3.06
CA ASN A 123 -41.29 22.45 -2.46
C ASN A 123 -40.91 23.52 -3.50
N PRO A 124 -41.88 24.34 -3.94
CA PRO A 124 -41.58 25.35 -4.96
C PRO A 124 -41.01 26.61 -4.36
N ASN A 125 -40.64 26.55 -3.08
CA ASN A 125 -40.01 27.68 -2.40
C ASN A 125 -38.57 27.40 -1.98
N THR A 126 -37.98 26.33 -2.51
CA THR A 126 -36.65 25.93 -2.08
C THR A 126 -35.55 26.72 -2.77
N PRO A 127 -34.50 27.07 -2.00
CA PRO A 127 -33.36 27.86 -2.50
C PRO A 127 -32.42 27.16 -3.50
N PHE A 128 -31.93 27.94 -4.47
CA PHE A 128 -30.93 27.47 -5.42
C PHE A 128 -29.76 26.82 -4.71
N GLY A 129 -29.47 27.31 -3.50
CA GLY A 129 -28.33 26.81 -2.72
C GLY A 129 -28.41 25.34 -2.35
N ILE A 130 -29.62 24.82 -2.19
CA ILE A 130 -29.82 23.40 -1.87
C ILE A 130 -29.53 22.50 -3.07
N PHE A 131 -30.07 22.87 -4.23
CA PHE A 131 -29.74 22.18 -5.49
C PHE A 131 -28.24 22.20 -5.83
N ILE A 132 -27.46 23.08 -5.21
CA ILE A 132 -26.02 23.00 -5.37
C ILE A 132 -25.51 21.73 -4.70
N VAL A 133 -25.79 21.58 -3.40
CA VAL A 133 -25.27 20.45 -2.68
C VAL A 133 -25.89 19.15 -3.21
N ILE A 134 -27.10 19.24 -3.80
CA ILE A 134 -27.62 18.03 -4.45
C ILE A 134 -26.93 17.79 -5.79
N ALA A 135 -26.57 18.84 -6.52
CA ALA A 135 -25.81 18.65 -7.75
C ALA A 135 -24.49 17.96 -7.44
N LEU A 136 -23.85 18.38 -6.36
CA LEU A 136 -22.60 17.78 -5.88
C LEU A 136 -22.77 16.32 -5.53
N LEU A 137 -23.68 16.06 -4.59
CA LEU A 137 -23.89 14.70 -4.13
C LEU A 137 -24.34 13.78 -5.28
N CYS A 138 -25.01 14.36 -6.27
CA CYS A 138 -25.37 13.64 -7.49
C CYS A 138 -24.14 13.38 -8.35
N GLY A 139 -23.14 14.24 -8.21
CA GLY A 139 -21.91 14.13 -8.97
C GLY A 139 -21.02 13.05 -8.39
N PHE A 140 -21.27 12.69 -7.14
CA PHE A 140 -20.52 11.59 -6.51
C PHE A 140 -20.60 10.27 -7.29
N ALA A 141 -21.70 10.05 -8.01
CA ALA A 141 -21.88 8.79 -8.74
C ALA A 141 -21.30 8.83 -10.14
N GLY A 142 -20.23 9.58 -10.32
CA GLY A 142 -19.49 9.61 -11.57
C GLY A 142 -18.05 9.22 -11.29
N ALA A 143 -17.81 8.92 -10.01
CA ALA A 143 -16.54 8.39 -9.55
C ALA A 143 -16.69 6.88 -9.40
N ASN A 144 -17.92 6.41 -9.52
CA ASN A 144 -18.16 4.97 -9.51
C ASN A 144 -17.62 4.33 -10.79
N PHE A 145 -17.37 5.14 -11.82
CA PHE A 145 -16.75 4.58 -13.03
C PHE A 145 -15.32 4.15 -12.76
N ALA A 146 -14.53 5.01 -12.14
CA ALA A 146 -13.14 4.68 -11.82
C ALA A 146 -13.02 3.43 -10.93
N SER A 147 -13.89 3.32 -9.94
CA SER A 147 -13.82 2.20 -9.01
C SER A 147 -14.38 0.91 -9.62
N SER A 148 -15.40 1.05 -10.46
CA SER A 148 -15.97 -0.12 -11.15
C SER A 148 -15.10 -0.56 -12.32
N MET A 149 -14.13 0.26 -12.70
CA MET A 149 -13.23 -0.09 -13.77
C MET A 149 -11.94 -0.67 -13.18
N GLY A 150 -11.57 -0.18 -12.00
CA GLY A 150 -10.43 -0.73 -11.29
C GLY A 150 -10.75 -2.12 -10.78
N ASN A 151 -11.96 -2.29 -10.27
CA ASN A 151 -12.33 -3.53 -9.59
C ASN A 151 -12.48 -4.79 -10.46
N ILE A 152 -13.05 -4.65 -11.64
CA ILE A 152 -13.37 -5.81 -12.46
C ILE A 152 -12.16 -6.30 -13.29
N SER A 153 -11.12 -5.47 -13.36
CA SER A 153 -9.93 -5.85 -14.12
C SER A 153 -9.27 -7.11 -13.54
N PHE A 154 -9.24 -7.21 -12.22
CA PHE A 154 -8.64 -8.36 -11.54
C PHE A 154 -9.32 -9.67 -11.89
N PHE A 155 -10.61 -9.58 -12.22
CA PHE A 155 -11.43 -10.76 -12.46
C PHE A 155 -11.16 -11.44 -13.80
N PHE A 156 -10.69 -10.66 -14.76
CA PHE A 156 -10.48 -11.23 -16.08
C PHE A 156 -8.98 -11.39 -16.39
N PRO A 157 -8.64 -12.48 -17.10
CA PRO A 157 -7.26 -12.77 -17.50
C PRO A 157 -6.61 -11.55 -18.13
N LYS A 158 -5.30 -11.40 -17.93
CA LYS A 158 -4.54 -10.28 -18.48
C LYS A 158 -4.73 -10.13 -19.99
N ALA A 159 -5.30 -11.14 -20.64
CA ALA A 159 -5.54 -11.06 -22.08
C ALA A 159 -7.02 -11.27 -22.40
N LYS A 160 -7.86 -11.14 -21.39
CA LYS A 160 -9.30 -11.01 -21.63
C LYS A 160 -9.89 -9.69 -21.06
N GLN A 161 -9.01 -8.83 -20.54
CA GLN A 161 -9.43 -7.56 -19.97
C GLN A 161 -9.84 -6.55 -21.05
N GLY A 162 -9.68 -6.92 -22.32
CA GLY A 162 -10.08 -6.04 -23.40
C GLY A 162 -11.58 -6.07 -23.60
N SER A 163 -12.13 -7.27 -23.77
CA SER A 163 -13.56 -7.48 -23.96
C SER A 163 -14.40 -7.07 -22.73
N ALA A 164 -13.95 -7.49 -21.56
CA ALA A 164 -14.72 -7.30 -20.33
C ALA A 164 -14.80 -5.85 -19.93
N LEU A 165 -13.67 -5.15 -19.97
CA LEU A 165 -13.69 -3.73 -19.67
C LEU A 165 -14.62 -3.02 -20.67
N GLY A 166 -14.54 -3.42 -21.94
CA GLY A 166 -15.41 -2.91 -22.99
C GLY A 166 -16.89 -3.06 -22.69
N ILE A 167 -17.29 -4.22 -22.18
CA ILE A 167 -18.69 -4.46 -21.78
C ILE A 167 -19.07 -3.70 -20.52
N ASN A 168 -18.17 -3.67 -19.54
CA ASN A 168 -18.41 -3.03 -18.25
C ASN A 168 -18.61 -1.50 -18.37
N GLY A 169 -17.57 -0.81 -18.82
CA GLY A 169 -17.70 0.63 -19.07
C GLY A 169 -18.69 0.90 -20.18
N GLY A 170 -18.57 0.14 -21.27
CA GLY A 170 -19.43 0.32 -22.42
C GLY A 170 -20.91 0.20 -22.16
N LEU A 171 -21.29 -0.43 -21.05
CA LEU A 171 -22.70 -0.50 -20.67
C LEU A 171 -23.03 0.48 -19.55
N GLY A 172 -22.03 0.77 -18.70
CA GLY A 172 -22.23 1.79 -17.69
C GLY A 172 -22.55 3.13 -18.34
N ASN A 173 -21.90 3.43 -19.45
CA ASN A 173 -22.22 4.60 -20.25
C ASN A 173 -23.70 4.66 -20.57
N LEU A 174 -24.24 3.54 -21.06
CA LEU A 174 -25.62 3.49 -21.54
C LEU A 174 -26.64 4.09 -20.57
N GLY A 175 -26.31 4.10 -19.28
CA GLY A 175 -27.15 4.68 -18.24
C GLY A 175 -27.55 6.15 -18.39
N VAL A 176 -26.71 6.94 -19.02
CA VAL A 176 -27.10 8.28 -19.39
C VAL A 176 -28.30 8.14 -20.31
N SER A 177 -28.08 7.52 -21.46
CA SER A 177 -29.14 7.29 -22.42
C SER A 177 -30.41 6.70 -21.83
N VAL A 178 -30.25 5.80 -20.86
CA VAL A 178 -31.41 5.18 -20.21
C VAL A 178 -32.16 6.17 -19.32
N MET A 179 -31.45 6.80 -18.40
CA MET A 179 -32.06 7.77 -17.50
C MET A 179 -32.79 8.89 -18.24
N GLN A 180 -32.15 9.44 -19.27
CA GLN A 180 -32.79 10.48 -20.08
C GLN A 180 -33.95 9.95 -20.92
N LEU A 181 -34.50 8.80 -20.54
CA LEU A 181 -35.60 8.23 -21.29
C LEU A 181 -36.61 7.65 -20.33
N VAL A 182 -36.13 7.10 -19.22
CA VAL A 182 -37.00 6.62 -18.16
C VAL A 182 -37.58 7.83 -17.46
N ALA A 183 -36.75 8.85 -17.21
CA ALA A 183 -37.20 9.99 -16.42
C ALA A 183 -38.32 10.86 -17.05
N PRO A 184 -38.25 11.17 -18.36
CA PRO A 184 -39.36 12.01 -18.85
C PRO A 184 -40.60 11.19 -19.19
N LEU A 185 -40.53 9.88 -19.00
CA LEU A 185 -41.63 8.99 -19.35
C LEU A 185 -42.44 8.62 -18.12
N VAL A 186 -41.80 8.68 -16.96
CA VAL A 186 -42.37 8.22 -15.70
C VAL A 186 -43.09 9.34 -14.91
N ILE A 187 -42.76 10.58 -15.22
CA ILE A 187 -43.32 11.71 -14.49
C ILE A 187 -44.79 11.91 -14.82
N PHE A 188 -45.17 11.52 -16.03
CA PHE A 188 -46.55 11.66 -16.47
C PHE A 188 -47.35 10.44 -16.02
N VAL A 189 -46.84 9.75 -14.99
CA VAL A 189 -47.51 8.62 -14.31
C VAL A 189 -47.43 8.79 -12.78
N PRO A 190 -48.59 8.81 -12.09
CA PRO A 190 -48.65 9.06 -10.64
C PRO A 190 -48.35 7.80 -9.80
N VAL A 191 -47.13 7.27 -9.97
CA VAL A 191 -46.66 6.02 -9.35
C VAL A 191 -46.62 6.08 -7.82
N PHE A 192 -46.24 7.24 -7.28
CA PHE A 192 -46.13 7.44 -5.84
C PHE A 192 -47.09 8.52 -5.33
N ALA A 193 -48.29 8.56 -5.90
CA ALA A 193 -49.31 9.51 -5.44
C ALA A 193 -49.87 9.02 -4.11
N PHE A 194 -49.68 7.73 -3.84
CA PHE A 194 -50.13 7.16 -2.57
C PHE A 194 -49.27 7.65 -1.41
N LEU A 195 -48.11 8.22 -1.76
CA LEU A 195 -47.18 8.78 -0.78
C LEU A 195 -47.33 10.30 -0.67
N GLY A 196 -48.21 10.85 -1.50
CA GLY A 196 -48.47 12.28 -1.48
C GLY A 196 -47.67 13.12 -2.46
N VAL A 197 -47.04 12.47 -3.44
CA VAL A 197 -46.23 13.16 -4.43
C VAL A 197 -47.03 14.14 -5.29
N ASN A 198 -46.71 15.43 -5.12
CA ASN A 198 -47.31 16.50 -5.91
C ASN A 198 -47.27 16.22 -7.40
N GLY A 199 -48.40 16.42 -8.06
CA GLY A 199 -48.46 16.32 -9.51
C GLY A 199 -49.01 17.67 -9.98
N VAL A 200 -48.48 18.20 -11.08
CA VAL A 200 -48.93 19.52 -11.53
C VAL A 200 -49.43 19.54 -12.99
N PRO A 201 -50.73 19.81 -13.18
CA PRO A 201 -51.37 19.66 -14.51
C PRO A 201 -50.76 20.57 -15.57
N GLN A 202 -50.86 20.17 -16.84
CA GLN A 202 -50.34 20.95 -17.97
C GLN A 202 -51.15 20.65 -19.24
N ALA A 203 -50.96 21.47 -20.27
CA ALA A 203 -51.68 21.33 -21.56
C ALA A 203 -51.91 19.88 -22.04
N ASP A 204 -53.18 19.60 -22.33
CA ASP A 204 -53.65 18.29 -22.82
C ASP A 204 -53.52 17.13 -21.82
N GLY A 205 -53.89 17.38 -20.57
CA GLY A 205 -54.02 16.31 -19.59
C GLY A 205 -52.75 15.92 -18.88
N SER A 206 -51.63 16.46 -19.36
CA SER A 206 -50.34 16.18 -18.74
C SER A 206 -50.32 16.63 -17.29
N VAL A 207 -50.33 15.65 -16.39
CA VAL A 207 -50.12 15.90 -14.97
C VAL A 207 -48.68 15.52 -14.68
N MET A 208 -47.94 16.46 -14.09
CA MET A 208 -46.52 16.20 -13.89
C MET A 208 -46.04 16.09 -12.45
N SER A 209 -45.87 14.83 -12.02
CA SER A 209 -45.18 14.49 -10.77
C SER A 209 -43.71 14.38 -11.11
N LEU A 210 -42.90 15.28 -10.58
CA LEU A 210 -41.50 15.40 -10.99
C LEU A 210 -40.59 14.90 -9.88
N ALA A 211 -41.13 14.20 -8.90
CA ALA A 211 -40.28 13.54 -7.93
C ALA A 211 -40.00 12.18 -8.49
N ASN A 212 -40.93 11.68 -9.31
CA ASN A 212 -40.80 10.39 -9.99
C ASN A 212 -39.43 10.13 -10.66
N ALA A 213 -38.98 11.14 -11.40
CA ALA A 213 -37.73 11.05 -12.14
C ALA A 213 -36.52 10.95 -11.21
N ALA A 214 -36.76 10.95 -9.91
CA ALA A 214 -35.71 10.94 -8.91
C ALA A 214 -35.93 9.85 -7.88
N TRP A 215 -37.19 9.57 -7.56
CA TRP A 215 -37.51 8.49 -6.62
C TRP A 215 -37.63 7.12 -7.31
N ILE A 216 -37.59 7.09 -8.64
CA ILE A 216 -37.65 5.82 -9.34
C ILE A 216 -36.43 4.98 -9.01
N TRP A 217 -35.27 5.62 -8.87
CA TRP A 217 -34.00 4.90 -8.74
C TRP A 217 -33.75 4.40 -7.33
N VAL A 218 -34.61 4.78 -6.38
CA VAL A 218 -34.40 4.28 -5.04
C VAL A 218 -34.70 2.77 -4.90
N PRO A 219 -35.79 2.27 -5.52
CA PRO A 219 -35.90 0.81 -5.56
C PRO A 219 -34.75 0.12 -6.34
N LEU A 220 -34.51 0.52 -7.58
CA LEU A 220 -33.50 -0.14 -8.40
C LEU A 220 -32.13 -0.06 -7.79
N LEU A 221 -31.81 1.03 -7.11
CA LEU A 221 -30.51 1.10 -6.45
C LEU A 221 -30.45 0.20 -5.22
N ALA A 222 -31.59 -0.01 -4.57
CA ALA A 222 -31.64 -0.93 -3.43
C ALA A 222 -31.26 -2.33 -3.91
N ILE A 223 -32.04 -2.88 -4.85
CA ILE A 223 -31.78 -4.19 -5.42
C ILE A 223 -30.32 -4.37 -5.84
N ALA A 224 -29.75 -3.36 -6.51
CA ALA A 224 -28.35 -3.47 -6.92
C ALA A 224 -27.37 -3.38 -5.75
N THR A 225 -27.82 -2.83 -4.62
CA THR A 225 -27.00 -2.86 -3.41
C THR A 225 -26.99 -4.26 -2.77
N ILE A 226 -28.15 -4.90 -2.72
CA ILE A 226 -28.28 -6.23 -2.12
C ILE A 226 -27.55 -7.30 -2.92
N ALA A 227 -27.78 -7.30 -4.23
CA ALA A 227 -27.03 -8.11 -5.16
C ALA A 227 -25.54 -7.79 -5.10
N ALA A 228 -25.18 -6.56 -4.74
CA ALA A 228 -23.78 -6.24 -4.51
C ALA A 228 -23.28 -6.93 -3.25
N TRP A 229 -24.12 -7.04 -2.25
CA TRP A 229 -23.72 -7.67 -0.99
C TRP A 229 -23.78 -9.20 -1.07
N SER A 230 -24.52 -9.72 -2.05
CA SER A 230 -24.84 -11.14 -2.11
C SER A 230 -24.01 -11.92 -3.12
N GLY A 231 -23.74 -11.28 -4.26
CA GLY A 231 -23.13 -11.94 -5.40
C GLY A 231 -21.70 -11.55 -5.73
N MET A 232 -21.17 -10.54 -5.04
CA MET A 232 -19.84 -10.04 -5.38
C MET A 232 -18.76 -10.56 -4.44
N ASN A 233 -17.52 -10.67 -4.94
CA ASN A 233 -16.41 -11.23 -4.15
C ASN A 233 -15.21 -10.32 -3.98
N ASP A 234 -14.64 -10.30 -2.78
CA ASP A 234 -13.51 -9.44 -2.46
C ASP A 234 -12.19 -10.20 -2.64
N ILE A 235 -11.40 -9.80 -3.63
CA ILE A 235 -10.17 -10.52 -3.96
C ILE A 235 -8.93 -9.65 -3.80
N ILE A 242 -0.20 6.05 -5.20
CA ILE A 242 0.49 7.34 -5.12
C ILE A 242 1.99 7.16 -5.31
N ALA A 243 2.42 5.90 -5.44
CA ALA A 243 3.83 5.58 -5.59
C ALA A 243 4.29 5.71 -7.04
N ASP A 244 3.93 4.74 -7.87
CA ASP A 244 4.29 4.76 -9.28
C ASP A 244 3.41 5.72 -10.07
N GLN A 245 2.22 5.97 -9.55
CA GLN A 245 1.25 6.85 -10.19
C GLN A 245 1.76 8.29 -10.31
N LEU A 246 2.18 8.85 -9.18
CA LEU A 246 2.71 10.22 -9.12
C LEU A 246 3.95 10.39 -10.00
N PRO A 247 4.65 9.29 -10.24
CA PRO A 247 5.75 9.29 -11.20
C PRO A 247 5.18 9.44 -12.60
N VAL A 248 4.25 8.54 -12.93
CA VAL A 248 3.65 8.49 -14.27
C VAL A 248 3.00 9.81 -14.67
N LEU A 249 2.52 10.56 -13.69
CA LEU A 249 1.85 11.82 -13.98
C LEU A 249 2.77 12.89 -14.57
N GLN A 250 3.91 13.13 -13.94
CA GLN A 250 4.67 14.34 -14.26
C GLN A 250 5.22 14.51 -15.68
N ARG A 251 5.44 13.40 -16.39
CA ARG A 251 5.88 13.44 -17.79
C ARG A 251 5.00 14.35 -18.63
N LEU A 252 5.63 15.29 -19.34
CA LEU A 252 4.89 16.35 -20.06
C LEU A 252 4.12 15.88 -21.29
N HIS A 253 3.85 14.58 -21.37
CA HIS A 253 3.03 14.03 -22.45
C HIS A 253 1.79 13.31 -21.91
N LEU A 254 1.51 13.53 -20.63
CA LEU A 254 0.25 13.10 -20.03
C LEU A 254 -0.76 14.25 -20.15
N TRP A 255 -0.27 15.40 -20.62
CA TRP A 255 -1.08 16.61 -20.68
C TRP A 255 -1.63 16.94 -22.07
N LEU A 256 -0.80 16.81 -23.09
CA LEU A 256 -1.29 17.05 -24.45
C LEU A 256 -2.20 15.89 -24.87
N LEU A 257 -2.11 14.78 -24.14
CA LEU A 257 -3.00 13.65 -24.36
C LEU A 257 -4.30 13.76 -23.55
N SER A 258 -4.19 14.23 -22.30
CA SER A 258 -5.38 14.40 -21.47
C SER A 258 -6.31 15.46 -22.07
N LEU A 259 -5.77 16.28 -22.96
CA LEU A 259 -6.51 17.35 -23.61
C LEU A 259 -7.41 16.81 -24.72
N LEU A 260 -6.94 15.77 -25.43
CA LEU A 260 -7.70 15.21 -26.54
C LEU A 260 -8.88 14.39 -26.05
N TYR A 261 -8.79 13.88 -24.82
CA TYR A 261 -9.85 13.08 -24.23
C TYR A 261 -10.84 14.03 -23.58
N LEU A 262 -10.44 15.30 -23.48
CA LEU A 262 -11.33 16.34 -23.03
C LEU A 262 -12.26 16.68 -24.18
N ALA A 263 -11.72 16.73 -25.38
CA ALA A 263 -12.49 17.16 -26.55
C ALA A 263 -13.35 16.03 -27.08
N THR A 264 -13.17 14.85 -26.52
CA THR A 264 -13.94 13.72 -27.00
C THR A 264 -14.94 13.29 -25.95
N PHE A 265 -14.48 12.45 -25.02
CA PHE A 265 -15.27 12.08 -23.86
C PHE A 265 -15.83 13.28 -23.09
N GLY A 266 -15.02 14.32 -22.92
CA GLY A 266 -15.51 15.51 -22.24
C GLY A 266 -16.75 16.01 -22.95
N SER A 267 -16.71 16.00 -24.26
CA SER A 267 -17.81 16.50 -25.06
C SER A 267 -18.84 15.43 -25.40
N PHE A 268 -18.98 14.45 -24.52
CA PHE A 268 -20.09 13.50 -24.61
C PHE A 268 -20.87 13.75 -23.34
N ILE A 269 -20.10 14.01 -22.28
CA ILE A 269 -20.63 14.36 -20.97
C ILE A 269 -21.25 15.77 -21.02
N GLY A 270 -20.46 16.76 -21.38
CA GLY A 270 -20.93 18.12 -21.50
C GLY A 270 -22.22 18.21 -22.30
N PHE A 271 -22.17 17.77 -23.56
CA PHE A 271 -23.35 17.76 -24.43
C PHE A 271 -24.46 16.87 -23.89
N SER A 272 -24.11 15.86 -23.09
CA SER A 272 -25.17 15.09 -22.43
C SER A 272 -25.92 15.93 -21.40
N ALA A 273 -25.21 16.81 -20.69
CA ALA A 273 -25.85 17.59 -19.64
C ALA A 273 -26.54 18.84 -20.21
N GLY A 274 -25.96 19.38 -21.28
CA GLY A 274 -26.38 20.62 -21.89
C GLY A 274 -27.49 20.49 -22.93
N PHE A 275 -27.35 19.55 -23.87
CA PHE A 275 -28.24 19.49 -25.04
C PHE A 275 -29.74 19.64 -24.79
N ALA A 276 -30.24 19.05 -23.71
CA ALA A 276 -31.66 19.12 -23.44
C ALA A 276 -32.04 20.60 -23.27
N MET A 277 -31.27 21.27 -22.42
CA MET A 277 -31.50 22.66 -22.07
C MET A 277 -31.20 23.66 -23.19
N LEU A 278 -30.09 23.48 -23.90
CA LEU A 278 -29.82 24.34 -25.04
C LEU A 278 -30.98 24.22 -26.01
N ALA A 279 -31.36 22.98 -26.34
CA ALA A 279 -32.50 22.79 -27.23
C ALA A 279 -33.83 23.25 -26.61
N LYS A 280 -33.84 23.58 -25.31
CA LYS A 280 -35.02 24.22 -24.76
C LYS A 280 -35.01 25.74 -25.01
N THR A 281 -33.87 26.37 -24.82
CA THR A 281 -33.86 27.83 -24.94
C THR A 281 -34.05 28.30 -26.37
N GLN A 282 -33.43 27.63 -27.33
CA GLN A 282 -33.55 28.10 -28.71
C GLN A 282 -34.86 27.65 -29.36
N PHE A 283 -35.45 26.56 -28.84
CA PHE A 283 -36.67 26.02 -29.43
C PHE A 283 -37.72 25.66 -28.36
N PRO A 284 -38.30 26.68 -27.70
CA PRO A 284 -39.29 26.43 -26.63
C PRO A 284 -40.53 25.70 -27.14
N ASP A 285 -40.91 25.97 -28.38
CA ASP A 285 -42.07 25.33 -29.02
C ASP A 285 -41.93 23.80 -29.26
N VAL A 286 -40.79 23.20 -28.89
CA VAL A 286 -40.62 21.75 -29.05
C VAL A 286 -40.42 20.98 -27.74
N ASN A 287 -40.67 19.67 -27.81
CA ASN A 287 -40.70 18.79 -26.64
C ASN A 287 -39.48 17.88 -26.69
N ILE A 288 -38.36 18.33 -26.10
CA ILE A 288 -37.08 17.62 -26.28
C ILE A 288 -36.93 16.32 -25.47
N LEU A 289 -37.56 16.27 -24.30
CA LEU A 289 -37.45 15.10 -23.45
C LEU A 289 -38.01 13.87 -24.14
N ARG A 290 -38.90 14.12 -25.09
CA ARG A 290 -39.45 13.06 -25.93
C ARG A 290 -38.37 12.45 -26.84
N LEU A 291 -37.34 13.23 -27.15
CA LEU A 291 -36.27 12.71 -28.02
C LEU A 291 -34.85 13.23 -27.77
N ALA A 292 -34.52 13.59 -26.54
CA ALA A 292 -33.15 14.03 -26.23
C ALA A 292 -32.21 12.86 -26.01
N PHE A 293 -32.75 11.65 -25.94
CA PHE A 293 -31.92 10.51 -25.56
C PHE A 293 -31.11 9.87 -26.70
N PHE A 294 -31.53 10.03 -27.96
CA PHE A 294 -30.78 9.44 -29.08
C PHE A 294 -29.31 9.87 -28.98
N GLY A 295 -29.10 11.07 -28.48
CA GLY A 295 -27.77 11.62 -28.31
C GLY A 295 -26.82 10.71 -27.55
N PRO A 296 -27.05 10.54 -26.24
CA PRO A 296 -26.19 9.73 -25.36
C PRO A 296 -26.10 8.22 -25.72
N PHE A 297 -27.15 7.72 -26.35
CA PHE A 297 -27.28 6.34 -26.81
C PHE A 297 -26.36 6.08 -28.02
N ILE A 298 -26.62 6.79 -29.11
CA ILE A 298 -25.74 6.80 -30.28
C ILE A 298 -24.31 7.11 -29.84
N GLY A 299 -24.19 7.88 -28.76
CA GLY A 299 -22.91 8.21 -28.18
C GLY A 299 -22.18 6.98 -27.65
N ALA A 300 -22.81 6.23 -26.75
CA ALA A 300 -22.19 5.02 -26.21
C ALA A 300 -21.84 4.01 -27.29
N ILE A 301 -22.83 3.70 -28.13
CA ILE A 301 -22.64 2.76 -29.24
C ILE A 301 -21.47 3.13 -30.17
N ALA A 302 -21.47 4.36 -30.69
CA ALA A 302 -20.35 4.80 -31.49
C ALA A 302 -19.04 4.76 -30.71
N ARG A 303 -19.10 4.93 -29.40
CA ARG A 303 -17.89 4.93 -28.59
C ARG A 303 -17.23 3.56 -28.63
N SER A 304 -18.00 2.53 -28.25
CA SER A 304 -17.44 1.18 -28.19
C SER A 304 -17.25 0.57 -29.59
N VAL A 305 -17.83 1.22 -30.60
CA VAL A 305 -17.54 0.86 -31.98
C VAL A 305 -16.22 1.48 -32.37
N GLY A 306 -15.94 2.66 -31.81
CA GLY A 306 -14.77 3.45 -32.15
C GLY A 306 -13.53 2.88 -31.52
N GLY A 307 -13.71 2.25 -30.36
CA GLY A 307 -12.62 1.52 -29.72
C GLY A 307 -12.11 0.37 -30.59
N ALA A 308 -13.04 -0.31 -31.28
CA ALA A 308 -12.69 -1.47 -32.10
C ALA A 308 -11.94 -1.11 -33.38
N ILE A 309 -12.23 0.06 -33.95
CA ILE A 309 -11.55 0.49 -35.18
C ILE A 309 -10.33 1.37 -34.92
N SER A 310 -10.17 1.82 -33.68
CA SER A 310 -8.95 2.56 -33.33
C SER A 310 -7.69 1.68 -33.42
N ASP A 311 -7.87 0.37 -33.31
CA ASP A 311 -6.73 -0.55 -33.49
C ASP A 311 -6.81 -1.45 -34.74
N LYS A 312 -7.81 -1.20 -35.57
CA LYS A 312 -8.06 -2.03 -36.75
C LYS A 312 -8.02 -1.21 -38.04
N PHE A 313 -7.81 0.10 -37.92
CA PHE A 313 -7.66 0.99 -39.07
C PHE A 313 -6.67 2.13 -38.78
N GLY A 314 -5.99 2.02 -37.64
CA GLY A 314 -5.04 3.03 -37.19
C GLY A 314 -5.58 3.82 -36.01
N GLY A 315 -4.70 4.17 -35.06
CA GLY A 315 -5.13 4.94 -33.89
C GLY A 315 -5.22 6.44 -34.13
N VAL A 316 -4.08 7.05 -34.42
CA VAL A 316 -3.99 8.48 -34.68
C VAL A 316 -4.85 8.90 -35.86
N ARG A 317 -4.93 8.03 -36.88
CA ARG A 317 -5.70 8.31 -38.08
C ARG A 317 -7.17 8.62 -37.77
N VAL A 318 -7.83 7.69 -37.09
CA VAL A 318 -9.24 7.85 -36.76
C VAL A 318 -9.51 9.09 -35.90
N THR A 319 -8.70 9.29 -34.85
CA THR A 319 -8.80 10.49 -34.03
C THR A 319 -8.74 11.76 -34.88
N LEU A 320 -7.77 11.82 -35.79
CA LEU A 320 -7.63 12.93 -36.73
C LEU A 320 -8.92 13.16 -37.52
N ILE A 321 -9.21 12.23 -38.44
CA ILE A 321 -10.40 12.31 -39.31
C ILE A 321 -11.67 12.59 -38.50
N ASN A 322 -11.66 12.18 -37.23
CA ASN A 322 -12.79 12.39 -36.33
C ASN A 322 -12.91 13.86 -35.91
N PHE A 323 -11.84 14.37 -35.29
CA PHE A 323 -11.81 15.77 -34.88
C PHE A 323 -12.13 16.68 -36.03
N ILE A 324 -11.72 16.31 -37.24
CA ILE A 324 -12.11 17.09 -38.41
C ILE A 324 -13.63 17.19 -38.45
N PHE A 325 -14.29 16.07 -38.17
CA PHE A 325 -15.75 16.07 -38.17
C PHE A 325 -16.40 16.76 -36.97
N MET A 326 -15.76 16.75 -35.80
CA MET A 326 -16.29 17.54 -34.68
C MET A 326 -16.14 19.04 -34.94
N ALA A 327 -15.06 19.44 -35.60
CA ALA A 327 -14.88 20.83 -35.95
C ALA A 327 -15.89 21.26 -37.01
N ILE A 328 -16.07 20.45 -38.06
CA ILE A 328 -17.06 20.79 -39.09
C ILE A 328 -18.50 20.78 -38.54
N PHE A 329 -18.80 19.85 -37.64
CA PHE A 329 -20.12 19.85 -37.01
C PHE A 329 -20.31 21.10 -36.14
N SER A 330 -19.28 21.43 -35.36
CA SER A 330 -19.34 22.56 -34.46
C SER A 330 -19.55 23.89 -35.22
N ALA A 331 -18.84 24.05 -36.35
CA ALA A 331 -19.05 25.22 -37.21
C ALA A 331 -20.45 25.14 -37.83
N LEU A 332 -20.89 23.94 -38.16
CA LEU A 332 -22.21 23.75 -38.76
C LEU A 332 -23.34 24.10 -37.80
N LEU A 333 -23.03 24.12 -36.51
CA LEU A 333 -24.02 24.40 -35.49
C LEU A 333 -24.54 25.85 -35.57
N PHE A 334 -23.71 26.75 -36.10
CA PHE A 334 -24.04 28.16 -36.15
C PHE A 334 -25.20 28.45 -37.12
N LEU A 335 -25.34 27.62 -38.15
CA LEU A 335 -26.36 27.83 -39.18
C LEU A 335 -27.73 27.26 -38.82
N THR A 336 -27.97 26.95 -37.55
CA THR A 336 -29.24 26.33 -37.19
C THR A 336 -29.98 27.11 -36.11
N LEU A 337 -29.26 27.89 -35.34
CA LEU A 337 -29.88 28.58 -34.23
C LEU A 337 -30.82 29.66 -34.75
N PRO A 338 -32.04 29.74 -34.19
CA PRO A 338 -32.97 30.74 -34.70
C PRO A 338 -32.38 32.13 -34.50
N GLY A 339 -32.59 33.02 -35.47
CA GLY A 339 -31.93 34.31 -35.50
C GLY A 339 -30.67 34.29 -36.35
N THR A 340 -29.56 33.79 -35.78
CA THR A 340 -28.27 33.74 -36.47
C THR A 340 -28.18 32.56 -37.42
N GLY A 341 -29.14 32.45 -38.34
CA GLY A 341 -29.18 31.34 -39.26
C GLY A 341 -30.58 30.73 -39.29
N SER A 342 -30.75 29.67 -40.06
CA SER A 342 -32.06 29.04 -40.25
C SER A 342 -32.67 28.55 -38.94
N GLY A 343 -33.73 29.21 -38.50
CA GLY A 343 -34.38 28.86 -37.26
C GLY A 343 -35.18 27.59 -37.43
N ASN A 344 -34.48 26.49 -37.72
CA ASN A 344 -35.12 25.20 -37.93
C ASN A 344 -34.63 24.21 -36.88
N PHE A 345 -35.54 23.38 -36.37
CA PHE A 345 -35.18 22.48 -35.29
C PHE A 345 -34.48 21.19 -35.77
N ILE A 346 -34.99 20.59 -36.84
CA ILE A 346 -34.46 19.29 -37.29
C ILE A 346 -32.97 19.39 -37.65
N ALA A 347 -32.56 20.47 -38.30
CA ALA A 347 -31.17 20.67 -38.63
C ALA A 347 -30.31 20.82 -37.37
N PHE A 348 -30.83 21.58 -36.41
CA PHE A 348 -30.19 21.72 -35.10
C PHE A 348 -29.98 20.34 -34.51
N TYR A 349 -31.01 19.51 -34.57
CA TYR A 349 -30.97 18.15 -34.03
C TYR A 349 -29.95 17.23 -34.73
N ALA A 350 -30.06 17.08 -36.04
CA ALA A 350 -29.11 16.29 -36.82
C ALA A 350 -27.69 16.71 -36.52
N VAL A 351 -27.40 18.00 -36.57
CA VAL A 351 -26.05 18.44 -36.24
C VAL A 351 -25.65 18.03 -34.81
N PHE A 352 -26.59 18.07 -33.88
CA PHE A 352 -26.20 17.58 -32.57
C PHE A 352 -25.96 16.05 -32.49
N MET A 353 -26.72 15.27 -33.26
CA MET A 353 -26.51 13.83 -33.31
C MET A 353 -25.12 13.55 -33.84
N GLY A 354 -24.74 14.23 -34.92
CA GLY A 354 -23.39 14.11 -35.45
C GLY A 354 -22.35 14.49 -34.41
N LEU A 355 -22.71 15.45 -33.56
CA LEU A 355 -21.81 15.86 -32.48
C LEU A 355 -21.57 14.73 -31.47
N PHE A 356 -22.67 14.12 -31.00
CA PHE A 356 -22.58 13.00 -30.07
C PHE A 356 -21.83 11.83 -30.68
N LEU A 357 -22.18 11.51 -31.93
CA LEU A 357 -21.54 10.45 -32.69
C LEU A 357 -20.03 10.64 -32.66
N THR A 358 -19.53 11.70 -33.28
CA THR A 358 -18.08 11.91 -33.28
C THR A 358 -17.46 12.09 -31.88
N ALA A 359 -18.27 12.47 -30.91
CA ALA A 359 -17.77 12.56 -29.53
C ALA A 359 -17.48 11.19 -28.93
N GLY A 360 -18.36 10.22 -29.18
CA GLY A 360 -18.17 8.87 -28.70
C GLY A 360 -17.13 8.14 -29.52
N LEU A 361 -17.29 8.15 -30.84
CA LEU A 361 -16.29 7.62 -31.76
C LEU A 361 -14.87 8.08 -31.40
N GLY A 362 -14.67 9.37 -31.28
CA GLY A 362 -13.40 9.85 -30.79
C GLY A 362 -13.10 9.44 -29.35
N SER A 363 -14.14 9.31 -28.53
CA SER A 363 -13.95 9.02 -27.11
C SER A 363 -13.23 7.68 -26.94
N GLY A 364 -13.52 6.76 -27.86
CA GLY A 364 -12.80 5.48 -27.95
C GLY A 364 -11.47 5.58 -28.70
N SER A 365 -11.51 6.07 -29.94
CA SER A 365 -10.29 6.33 -30.73
C SER A 365 -9.14 6.99 -29.97
N THR A 366 -9.46 7.78 -28.96
CA THR A 366 -8.45 8.50 -28.20
C THR A 366 -7.92 7.65 -27.04
N PHE A 367 -8.74 6.70 -26.59
CA PHE A 367 -8.34 5.87 -25.47
C PHE A 367 -7.35 4.80 -25.90
N GLN A 368 -7.69 4.04 -26.94
CA GLN A 368 -6.78 3.03 -27.46
C GLN A 368 -5.51 3.70 -28.01
N MET A 369 -5.65 4.95 -28.44
CA MET A 369 -4.50 5.74 -28.89
C MET A 369 -3.57 6.00 -27.71
N ILE A 370 -4.08 6.61 -26.66
CA ILE A 370 -3.31 6.88 -25.44
C ILE A 370 -2.65 5.60 -24.93
N ALA A 371 -3.38 4.49 -25.03
CA ALA A 371 -2.82 3.18 -24.69
C ALA A 371 -1.59 2.85 -25.54
N VAL A 372 -1.76 2.75 -26.87
CA VAL A 372 -0.64 2.45 -27.76
C VAL A 372 0.37 3.62 -27.92
N ILE A 373 0.29 4.62 -27.06
CA ILE A 373 1.35 5.66 -27.03
C ILE A 373 1.99 5.69 -25.64
N PHE A 374 1.37 5.01 -24.68
CA PHE A 374 1.93 4.88 -23.34
C PHE A 374 2.55 3.50 -23.03
N ARG A 375 2.04 2.44 -23.66
CA ARG A 375 2.69 1.12 -23.60
C ARG A 375 3.43 0.91 -24.92
N GLN A 376 4.07 1.98 -25.37
CA GLN A 376 4.86 1.99 -26.61
C GLN A 376 5.99 3.01 -26.48
N ILE A 377 5.67 4.30 -26.52
CA ILE A 377 6.68 5.34 -26.34
C ILE A 377 7.29 5.29 -24.94
N THR A 378 6.51 4.81 -23.97
CA THR A 378 6.99 4.67 -22.62
C THR A 378 7.17 3.20 -22.26
N ILE A 379 7.44 2.39 -23.28
CA ILE A 379 7.87 1.00 -23.10
C ILE A 379 9.29 0.83 -23.63
N TYR A 380 9.98 1.97 -23.84
CA TYR A 380 11.34 2.00 -24.34
C TYR A 380 12.18 3.01 -23.57
N ARG A 381 12.63 2.61 -22.38
CA ARG A 381 13.43 3.45 -21.50
C ARG A 381 14.09 2.62 -20.40
N ALA A 392 10.76 -2.46 -18.30
CA ALA A 392 10.01 -1.71 -19.30
C ALA A 392 9.22 -2.64 -20.22
N HIS A 393 8.50 -3.59 -19.62
CA HIS A 393 7.70 -4.54 -20.37
C HIS A 393 6.51 -4.96 -19.52
N LYS A 394 6.63 -4.70 -18.22
CA LYS A 394 5.57 -4.92 -17.26
C LYS A 394 5.49 -3.70 -16.33
N GLU A 395 6.47 -2.80 -16.48
CA GLU A 395 6.52 -1.57 -15.70
C GLU A 395 5.90 -0.41 -16.46
N ALA A 396 5.79 -0.55 -17.78
CA ALA A 396 5.10 0.43 -18.61
C ALA A 396 3.60 0.24 -18.48
N VAL A 397 3.19 -0.98 -18.13
CA VAL A 397 1.79 -1.28 -17.87
C VAL A 397 1.29 -0.40 -16.73
N THR A 398 2.13 -0.25 -15.70
CA THR A 398 1.81 0.58 -14.56
C THR A 398 1.58 2.04 -14.97
N GLU A 399 2.60 2.64 -15.59
CA GLU A 399 2.53 4.04 -16.04
C GLU A 399 1.35 4.29 -16.96
N THR A 400 1.14 3.41 -17.94
CA THR A 400 -0.01 3.50 -18.83
C THR A 400 -1.31 3.51 -18.03
N ALA A 401 -1.47 2.54 -17.13
CA ALA A 401 -2.65 2.48 -16.25
C ALA A 401 -2.90 3.80 -15.50
N ALA A 402 -1.89 4.29 -14.80
CA ALA A 402 -1.97 5.54 -14.05
C ALA A 402 -2.40 6.68 -14.97
N ALA A 403 -1.84 6.70 -16.17
CA ALA A 403 -2.18 7.73 -17.14
C ALA A 403 -3.64 7.62 -17.58
N LEU A 404 -4.15 6.40 -17.63
CA LEU A 404 -5.56 6.19 -17.97
C LEU A 404 -6.49 6.74 -16.88
N GLY A 405 -6.17 6.41 -15.63
CA GLY A 405 -6.89 6.96 -14.49
C GLY A 405 -6.95 8.48 -14.51
N PHE A 406 -5.78 9.10 -14.59
CA PHE A 406 -5.72 10.56 -14.67
C PHE A 406 -6.55 11.08 -15.82
N ILE A 407 -6.30 10.59 -17.02
CA ILE A 407 -6.96 11.14 -18.20
C ILE A 407 -8.50 11.01 -18.16
N SER A 408 -9.00 9.91 -17.60
CA SER A 408 -10.46 9.80 -17.42
C SER A 408 -10.97 10.80 -16.37
N ALA A 409 -10.24 10.94 -15.27
CA ALA A 409 -10.64 11.89 -14.23
C ALA A 409 -10.63 13.38 -14.69
N ILE A 410 -9.63 13.73 -15.48
CA ILE A 410 -9.49 15.06 -16.05
C ILE A 410 -10.20 15.07 -17.41
N GLY A 411 -10.96 14.01 -17.64
CA GLY A 411 -11.77 13.90 -18.83
C GLY A 411 -13.20 14.19 -18.44
N ALA A 412 -13.53 13.96 -17.17
CA ALA A 412 -14.88 14.28 -16.70
C ALA A 412 -15.11 15.79 -16.42
N VAL A 413 -14.04 16.57 -16.28
CA VAL A 413 -14.20 18.00 -16.00
C VAL A 413 -14.48 18.78 -17.29
N GLY A 414 -14.85 18.04 -18.33
CA GLY A 414 -15.35 18.62 -19.56
C GLY A 414 -16.87 18.66 -19.60
N GLY A 415 -17.50 18.02 -18.62
CA GLY A 415 -18.94 18.02 -18.56
C GLY A 415 -19.40 19.12 -17.64
N PHE A 416 -18.42 19.79 -17.05
CA PHE A 416 -18.69 20.96 -16.25
C PHE A 416 -18.55 22.14 -17.17
N PHE A 417 -17.56 22.06 -18.06
CA PHE A 417 -17.28 23.18 -18.94
C PHE A 417 -18.40 23.44 -19.92
N ILE A 418 -18.63 22.55 -20.88
CA ILE A 418 -19.67 22.81 -21.92
C ILE A 418 -21.04 23.41 -21.44
N PRO A 419 -21.66 22.83 -20.40
CA PRO A 419 -22.92 23.49 -20.08
C PRO A 419 -22.65 24.78 -19.31
N GLN A 420 -21.47 24.92 -18.73
CA GLN A 420 -21.17 26.13 -17.97
C GLN A 420 -20.85 27.27 -18.92
N ALA A 421 -20.42 26.93 -20.12
CA ALA A 421 -20.15 27.91 -21.16
C ALA A 421 -21.43 28.27 -21.91
N PHE A 422 -22.34 27.31 -22.07
CA PHE A 422 -23.67 27.69 -22.53
C PHE A 422 -24.34 28.62 -21.51
N GLY A 423 -24.13 28.32 -20.23
CA GLY A 423 -24.62 29.16 -19.16
C GLY A 423 -24.04 30.56 -19.25
N MET A 424 -22.72 30.67 -19.19
CA MET A 424 -22.05 31.97 -19.17
C MET A 424 -22.08 32.71 -20.51
N SER A 425 -22.55 32.04 -21.56
CA SER A 425 -22.82 32.75 -22.81
C SER A 425 -24.26 33.28 -22.84
N LEU A 426 -25.22 32.50 -22.34
CA LEU A 426 -26.61 32.94 -22.27
C LEU A 426 -26.78 34.03 -21.21
N ASN A 427 -25.84 34.08 -20.27
CA ASN A 427 -25.90 35.07 -19.20
C ASN A 427 -25.38 36.45 -19.64
N MET A 428 -24.17 36.50 -20.16
CA MET A 428 -23.55 37.73 -20.61
C MET A 428 -24.16 38.24 -21.91
N THR A 429 -24.56 37.35 -22.81
CA THR A 429 -24.92 37.82 -24.14
C THR A 429 -26.32 37.38 -24.58
N GLY A 430 -26.92 36.46 -23.81
CA GLY A 430 -28.22 35.89 -24.13
C GLY A 430 -28.13 34.81 -25.20
N SER A 431 -26.93 34.54 -25.68
CA SER A 431 -26.79 33.67 -26.82
C SER A 431 -25.82 32.49 -26.59
N PRO A 432 -26.07 31.38 -27.29
CA PRO A 432 -25.14 30.26 -27.24
C PRO A 432 -23.92 30.47 -28.13
N VAL A 433 -23.97 31.51 -28.97
CA VAL A 433 -22.90 31.78 -29.95
C VAL A 433 -21.55 31.98 -29.25
N GLY A 434 -21.56 32.70 -28.14
CA GLY A 434 -20.34 33.05 -27.43
C GLY A 434 -19.59 31.85 -26.92
N ALA A 435 -20.31 30.77 -26.61
CA ALA A 435 -19.70 29.54 -26.17
C ALA A 435 -19.32 28.71 -27.38
N MET A 436 -20.25 28.63 -28.33
CA MET A 436 -20.03 27.86 -29.56
C MET A 436 -18.74 28.22 -30.28
N LYS A 437 -18.46 29.51 -30.41
CA LYS A 437 -17.19 29.91 -30.98
C LYS A 437 -16.02 29.30 -30.21
N VAL A 438 -16.05 29.35 -28.88
CA VAL A 438 -15.01 28.69 -28.10
C VAL A 438 -14.91 27.22 -28.47
N PHE A 439 -16.06 26.60 -28.75
CA PHE A 439 -16.04 25.18 -29.16
C PHE A 439 -15.35 24.97 -30.51
N LEU A 440 -15.60 25.85 -31.47
CA LEU A 440 -14.87 25.78 -32.72
C LEU A 440 -13.39 25.88 -32.45
N ILE A 441 -12.96 27.03 -31.94
CA ILE A 441 -11.55 27.25 -31.57
C ILE A 441 -10.88 26.02 -30.93
N PHE A 442 -11.58 25.44 -29.95
CA PHE A 442 -11.11 24.23 -29.28
C PHE A 442 -10.96 23.04 -30.23
N TYR A 443 -11.98 22.73 -31.02
CA TYR A 443 -11.88 21.58 -31.92
C TYR A 443 -10.81 21.77 -32.97
N ILE A 444 -10.65 23.00 -33.46
CA ILE A 444 -9.61 23.27 -34.43
C ILE A 444 -8.20 23.10 -33.84
N VAL A 445 -7.87 23.87 -32.79
CA VAL A 445 -6.62 23.64 -32.06
C VAL A 445 -6.36 22.16 -31.74
N CYS A 446 -7.41 21.45 -31.33
CA CYS A 446 -7.25 20.01 -31.09
C CYS A 446 -6.83 19.26 -32.35
N VAL A 447 -7.48 19.57 -33.48
CA VAL A 447 -7.12 18.99 -34.76
C VAL A 447 -5.64 19.22 -35.08
N LEU A 448 -5.21 20.49 -34.99
CA LEU A 448 -3.82 20.82 -35.33
C LEU A 448 -2.81 20.23 -34.35
N LEU A 449 -3.28 19.87 -33.16
CA LEU A 449 -2.40 19.25 -32.18
C LEU A 449 -2.31 17.74 -32.36
N THR A 450 -3.36 17.12 -32.88
CA THR A 450 -3.28 15.72 -33.30
C THR A 450 -2.38 15.66 -34.52
N TRP A 451 -2.46 16.70 -35.35
CA TRP A 451 -1.63 16.84 -36.54
C TRP A 451 -0.13 16.87 -36.21
N LEU A 452 0.30 17.94 -35.54
CA LEU A 452 1.71 18.13 -35.22
C LEU A 452 2.37 16.96 -34.49
N VAL A 453 1.99 16.72 -33.24
CA VAL A 453 2.72 15.78 -32.40
C VAL A 453 2.56 14.30 -32.75
N TYR A 454 1.33 13.79 -32.64
CA TYR A 454 1.06 12.37 -32.84
C TYR A 454 0.78 12.04 -34.31
N LEU B 12 28.65 -37.70 6.20
CA LEU B 12 27.32 -38.32 6.25
C LEU B 12 27.28 -39.49 7.25
N LEU B 13 26.16 -39.65 7.94
CA LEU B 13 26.00 -40.75 8.91
C LEU B 13 24.72 -41.56 8.68
N ARG B 14 24.84 -42.89 8.65
CA ARG B 14 23.71 -43.76 8.28
C ARG B 14 23.28 -44.69 9.43
N ASP B 15 24.24 -45.04 10.28
CA ASP B 15 23.97 -45.88 11.45
C ASP B 15 24.03 -45.01 12.71
N TRP B 16 23.27 -43.92 12.71
CA TRP B 16 23.35 -42.97 13.83
C TRP B 16 22.37 -43.33 14.97
N LYS B 17 22.91 -43.94 16.02
CA LYS B 17 22.14 -44.29 17.21
C LYS B 17 22.95 -43.98 18.48
N PRO B 18 22.81 -42.75 18.99
CA PRO B 18 23.54 -42.26 20.17
C PRO B 18 22.87 -42.63 21.51
N GLU B 19 21.66 -43.20 21.46
CA GLU B 19 20.99 -43.67 22.66
C GLU B 19 21.28 -45.17 22.90
N ASN B 20 22.46 -45.59 22.47
CA ASN B 20 22.93 -46.97 22.55
C ASN B 20 24.28 -46.99 23.29
N PRO B 21 24.26 -46.76 24.61
CA PRO B 21 25.37 -46.48 25.54
C PRO B 21 26.73 -46.81 25.01
N ALA B 22 26.91 -48.04 24.54
CA ALA B 22 28.15 -48.47 23.91
C ALA B 22 28.51 -47.54 22.76
N PHE B 23 27.66 -47.49 21.75
CA PHE B 23 27.85 -46.61 20.58
C PHE B 23 28.34 -45.23 20.98
N TRP B 24 27.69 -44.68 22.00
CA TRP B 24 27.95 -43.31 22.44
C TRP B 24 29.38 -43.20 22.93
N GLU B 25 29.75 -44.03 23.91
CA GLU B 25 31.08 -43.92 24.49
C GLU B 25 32.18 -44.35 23.51
N ASN B 26 31.80 -45.05 22.43
CA ASN B 26 32.81 -45.61 21.53
C ASN B 26 33.36 -44.62 20.53
N LYS B 27 32.46 -44.03 19.73
CA LYS B 27 32.84 -43.10 18.67
C LYS B 27 31.85 -41.96 18.56
N GLY B 28 30.60 -42.21 18.95
CA GLY B 28 29.51 -41.26 18.76
C GLY B 28 29.61 -39.94 19.49
N LYS B 29 30.09 -39.99 20.74
CA LYS B 29 30.21 -38.79 21.55
C LYS B 29 31.34 -37.87 21.08
N HIS B 30 32.31 -38.43 20.37
CA HIS B 30 33.42 -37.63 19.85
C HIS B 30 33.05 -36.88 18.60
N ILE B 31 32.19 -37.48 17.78
CA ILE B 31 31.69 -36.76 16.61
C ILE B 31 30.62 -35.77 17.07
N ALA B 32 29.93 -36.13 18.14
CA ALA B 32 29.05 -35.18 18.82
C ALA B 32 29.86 -33.95 19.21
N ARG B 33 30.85 -34.13 20.08
CA ARG B 33 31.65 -33.01 20.57
C ARG B 33 32.30 -32.20 19.48
N ARG B 34 32.78 -32.85 18.41
CA ARG B 34 33.27 -32.08 17.28
C ARG B 34 32.18 -31.18 16.69
N ASN B 35 31.01 -31.75 16.40
CA ASN B 35 29.94 -30.97 15.81
C ASN B 35 29.43 -29.84 16.72
N LEU B 36 29.48 -30.06 18.03
CA LEU B 36 29.18 -28.98 18.97
C LEU B 36 30.26 -27.91 18.85
N TRP B 37 31.50 -28.27 19.17
CA TRP B 37 32.64 -27.35 19.11
C TRP B 37 32.76 -26.52 17.85
N ILE B 38 32.23 -27.02 16.74
CA ILE B 38 32.24 -26.25 15.50
C ILE B 38 30.97 -25.43 15.31
N SER B 39 29.83 -26.05 15.61
CA SER B 39 28.53 -25.35 15.60
C SER B 39 28.55 -24.06 16.44
N VAL B 40 29.32 -24.12 17.53
CA VAL B 40 29.51 -23.01 18.43
C VAL B 40 30.35 -21.87 17.82
N SER B 41 31.39 -22.20 17.04
CA SER B 41 32.14 -21.17 16.31
C SER B 41 31.26 -20.49 15.26
N CYS B 42 30.57 -21.28 14.43
CA CYS B 42 29.70 -20.68 13.42
C CYS B 42 28.59 -19.80 14.00
N LEU B 43 27.98 -20.25 15.09
CA LEU B 43 26.91 -19.47 15.70
C LEU B 43 27.49 -18.25 16.37
N LEU B 44 28.64 -18.39 17.03
CA LEU B 44 29.25 -17.24 17.70
C LEU B 44 29.51 -16.14 16.68
N LEU B 45 30.11 -16.50 15.55
CA LEU B 45 30.33 -15.50 14.52
C LEU B 45 29.01 -14.99 13.92
N ALA B 46 27.98 -15.83 13.87
CA ALA B 46 26.67 -15.38 13.38
C ALA B 46 26.02 -14.35 14.28
N PHE B 47 26.30 -14.41 15.58
CA PHE B 47 25.83 -13.38 16.49
C PHE B 47 26.69 -12.14 16.37
N CYS B 48 28.00 -12.31 16.22
CA CYS B 48 28.86 -11.16 15.95
C CYS B 48 28.34 -10.35 14.77
N VAL B 49 28.01 -11.05 13.68
CA VAL B 49 27.56 -10.39 12.46
C VAL B 49 26.11 -9.92 12.55
N TRP B 50 25.29 -10.62 13.34
CA TRP B 50 23.89 -10.23 13.51
C TRP B 50 23.77 -8.82 14.09
N MET B 51 24.52 -8.56 15.14
CA MET B 51 24.43 -7.30 15.87
C MET B 51 25.52 -6.30 15.47
N LEU B 52 25.97 -6.38 14.21
CA LEU B 52 27.05 -5.51 13.73
C LEU B 52 26.78 -4.00 13.93
N PHE B 53 25.53 -3.57 13.76
CA PHE B 53 25.21 -2.15 13.79
C PHE B 53 25.19 -1.59 15.22
N SER B 54 25.47 -2.44 16.20
CA SER B 54 25.52 -1.99 17.59
C SER B 54 26.60 -0.93 17.82
N ALA B 55 27.66 -0.98 17.01
CA ALA B 55 28.80 -0.09 17.16
C ALA B 55 29.21 0.49 15.79
N VAL B 56 28.30 0.40 14.83
CA VAL B 56 28.50 1.00 13.52
C VAL B 56 27.59 2.25 13.40
N THR B 57 26.37 2.17 13.91
CA THR B 57 25.55 3.37 13.95
C THR B 57 26.17 4.43 14.86
N VAL B 58 26.65 4.01 16.02
CA VAL B 58 27.12 4.95 17.03
C VAL B 58 28.46 5.61 16.66
N ASN B 59 28.96 5.30 15.47
CA ASN B 59 30.20 5.88 14.97
C ASN B 59 30.08 6.56 13.59
N LEU B 60 29.07 6.20 12.80
CA LEU B 60 28.90 6.70 11.43
C LEU B 60 29.04 8.23 11.29
N ASN B 61 28.52 8.96 12.27
CA ASN B 61 28.54 10.41 12.24
C ASN B 61 29.94 11.02 12.34
N LYS B 62 30.94 10.20 12.66
CA LYS B 62 32.30 10.72 12.77
C LYS B 62 33.14 10.37 11.55
N ILE B 63 32.51 9.75 10.56
CA ILE B 63 33.00 9.83 9.20
C ILE B 63 32.20 10.99 8.63
N GLY B 64 31.99 11.00 7.32
CA GLY B 64 31.24 12.08 6.70
C GLY B 64 29.74 12.03 6.94
N PHE B 65 29.26 10.86 7.32
CA PHE B 65 27.84 10.60 7.40
C PHE B 65 27.10 11.57 8.31
N ASN B 66 25.83 11.82 8.01
CA ASN B 66 25.07 12.79 8.77
C ASN B 66 23.65 12.34 9.06
N PHE B 67 23.55 11.14 9.65
CA PHE B 67 22.25 10.54 9.90
C PHE B 67 21.60 11.07 11.21
N THR B 68 20.28 11.24 11.21
CA THR B 68 19.59 11.74 12.41
C THR B 68 19.57 10.64 13.43
N THR B 69 19.22 10.95 14.67
CA THR B 69 19.18 9.88 15.67
C THR B 69 17.84 9.12 15.70
N ASP B 70 17.06 9.28 14.64
CA ASP B 70 15.87 8.45 14.43
C ASP B 70 16.13 7.37 13.37
N GLN B 71 17.13 7.60 12.53
CA GLN B 71 17.51 6.66 11.49
C GLN B 71 18.56 5.69 12.03
N LEU B 72 19.30 6.15 13.05
CA LEU B 72 20.32 5.32 13.70
C LEU B 72 19.70 4.14 14.43
N PHE B 73 18.68 4.43 15.24
CA PHE B 73 17.94 3.38 15.93
C PHE B 73 17.24 2.49 14.93
N LEU B 74 16.84 3.04 13.79
CA LEU B 74 16.25 2.19 12.76
C LEU B 74 17.26 1.21 12.19
N LEU B 75 18.49 1.68 11.96
CA LEU B 75 19.53 0.79 11.50
C LEU B 75 19.82 -0.30 12.54
N THR B 76 19.82 0.05 13.83
CA THR B 76 20.09 -1.01 14.82
C THR B 76 18.92 -2.00 14.88
N ALA B 77 17.70 -1.48 14.70
CA ALA B 77 16.48 -2.28 14.87
C ALA B 77 16.05 -3.08 13.63
N LEU B 78 16.62 -2.77 12.47
CA LEU B 78 16.20 -3.44 11.24
C LEU B 78 16.54 -4.94 11.06
N PRO B 79 17.70 -5.41 11.55
CA PRO B 79 18.04 -6.80 11.21
C PRO B 79 17.25 -7.84 12.01
N SER B 80 16.66 -7.45 13.13
CA SER B 80 15.82 -8.35 13.92
C SER B 80 14.48 -8.56 13.22
N VAL B 81 14.22 -7.81 12.16
CA VAL B 81 13.00 -7.98 11.40
C VAL B 81 13.09 -9.19 10.48
N SER B 82 14.20 -9.32 9.77
CA SER B 82 14.43 -10.48 8.93
C SER B 82 14.99 -11.66 9.74
N GLY B 83 15.59 -11.35 10.88
CA GLY B 83 16.06 -12.37 11.79
C GLY B 83 14.86 -13.13 12.35
N ALA B 84 13.92 -12.39 12.91
CA ALA B 84 12.72 -12.95 13.51
C ALA B 84 11.67 -13.26 12.45
N LEU B 85 12.10 -13.33 11.19
CA LEU B 85 11.21 -13.63 10.10
C LEU B 85 11.68 -14.93 9.47
N LEU B 86 12.97 -15.00 9.18
CA LEU B 86 13.53 -16.14 8.48
C LEU B 86 13.85 -17.34 9.37
N ARG B 87 13.47 -17.27 10.64
CA ARG B 87 13.84 -18.33 11.56
C ARG B 87 13.06 -19.60 11.26
N VAL B 88 11.76 -19.47 11.03
CA VAL B 88 10.93 -20.62 10.71
C VAL B 88 11.41 -21.38 9.44
N PRO B 89 11.59 -20.65 8.31
CA PRO B 89 12.14 -21.34 7.14
C PRO B 89 13.52 -21.96 7.40
N TYR B 90 14.39 -21.23 8.09
CA TYR B 90 15.73 -21.73 8.45
C TYR B 90 15.66 -23.03 9.25
N SER B 91 14.65 -23.13 10.10
CA SER B 91 14.47 -24.32 10.93
C SER B 91 13.99 -25.49 10.08
N PHE B 92 13.04 -25.22 9.17
CA PHE B 92 12.64 -26.26 8.23
C PHE B 92 13.76 -26.65 7.26
N MET B 93 14.78 -25.80 7.14
CA MET B 93 15.83 -26.00 6.14
C MET B 93 17.01 -26.79 6.65
N VAL B 94 16.84 -27.55 7.73
CA VAL B 94 17.93 -28.42 8.17
C VAL B 94 17.80 -29.90 7.71
N PRO B 95 16.61 -30.52 7.86
CA PRO B 95 16.44 -31.87 7.33
C PRO B 95 16.53 -31.94 5.80
N ILE B 96 16.38 -30.80 5.13
CA ILE B 96 16.37 -30.76 3.67
C ILE B 96 17.79 -30.75 3.09
N PHE B 97 18.73 -30.18 3.84
CA PHE B 97 20.09 -30.03 3.33
C PHE B 97 21.10 -30.64 4.28
N GLY B 98 20.65 -30.99 5.47
CA GLY B 98 21.54 -31.54 6.48
C GLY B 98 22.39 -30.50 7.17
N GLY B 99 22.89 -30.84 8.36
CA GLY B 99 23.68 -29.94 9.17
C GLY B 99 24.86 -29.29 8.49
N ARG B 100 25.79 -30.09 8.01
CA ARG B 100 27.03 -29.58 7.43
C ARG B 100 26.77 -28.57 6.32
N ARG B 101 26.32 -29.08 5.17
CA ARG B 101 26.04 -28.27 3.98
C ARG B 101 25.32 -26.98 4.33
N TRP B 102 24.24 -27.10 5.09
CA TRP B 102 23.48 -25.93 5.45
C TRP B 102 24.23 -24.96 6.35
N THR B 103 25.12 -25.48 7.19
CA THR B 103 25.92 -24.61 8.07
C THR B 103 26.97 -23.84 7.25
N VAL B 104 27.67 -24.53 6.35
CA VAL B 104 28.59 -23.80 5.47
C VAL B 104 27.86 -22.72 4.67
N PHE B 105 26.79 -23.09 3.97
CA PHE B 105 26.02 -22.12 3.19
C PHE B 105 25.54 -20.93 4.05
N SER B 106 24.96 -21.22 5.21
CA SER B 106 24.36 -20.16 6.03
C SER B 106 25.38 -19.44 6.89
N THR B 107 26.65 -19.82 6.77
CA THR B 107 27.72 -19.08 7.45
C THR B 107 28.64 -18.35 6.45
N ALA B 108 28.58 -18.79 5.19
CA ALA B 108 29.34 -18.17 4.10
C ALA B 108 28.51 -17.08 3.43
N ILE B 109 27.19 -17.24 3.44
CA ILE B 109 26.30 -16.24 2.86
C ILE B 109 26.26 -14.98 3.74
N LEU B 110 26.84 -15.09 4.94
CA LEU B 110 26.97 -13.95 5.84
C LEU B 110 28.19 -13.12 5.49
N ILE B 111 28.96 -13.55 4.49
CA ILE B 111 30.09 -12.76 4.07
C ILE B 111 29.60 -11.61 3.21
N ILE B 112 28.64 -11.88 2.33
CA ILE B 112 28.23 -10.85 1.37
C ILE B 112 27.69 -9.52 1.96
N PRO B 113 27.16 -9.51 3.19
CA PRO B 113 26.90 -8.17 3.69
C PRO B 113 28.08 -7.57 4.46
N CYS B 114 28.93 -8.36 5.11
CA CYS B 114 30.13 -7.80 5.73
C CYS B 114 31.05 -7.08 4.71
N VAL B 115 31.21 -7.69 3.55
CA VAL B 115 32.17 -7.19 2.57
C VAL B 115 31.59 -5.92 1.97
N TRP B 116 30.27 -5.95 1.81
CA TRP B 116 29.52 -4.84 1.25
C TRP B 116 29.45 -3.65 2.21
N LEU B 117 28.99 -3.86 3.45
CA LEU B 117 29.01 -2.82 4.48
C LEU B 117 30.39 -2.21 4.61
N GLY B 118 31.40 -3.07 4.60
CA GLY B 118 32.77 -2.62 4.58
C GLY B 118 33.02 -1.63 3.46
N ILE B 119 32.51 -1.90 2.26
CA ILE B 119 32.64 -0.91 1.17
C ILE B 119 31.80 0.37 1.42
N ALA B 120 30.60 0.21 1.94
CA ALA B 120 29.70 1.35 2.21
C ALA B 120 30.35 2.40 3.09
N VAL B 121 30.71 2.03 4.32
CA VAL B 121 31.19 3.04 5.28
C VAL B 121 32.49 3.78 4.86
N GLN B 122 33.07 3.42 3.72
CA GLN B 122 34.24 4.12 3.19
C GLN B 122 33.84 5.27 2.26
N ASN B 123 32.55 5.58 2.25
CA ASN B 123 32.00 6.56 1.32
C ASN B 123 30.92 7.40 2.01
N PRO B 124 31.30 8.56 2.55
CA PRO B 124 30.37 9.50 3.20
C PRO B 124 29.18 9.82 2.29
N ASN B 125 29.39 9.77 0.98
CA ASN B 125 28.31 10.06 0.05
C ASN B 125 27.16 9.03 0.04
N THR B 126 27.45 7.77 0.40
CA THR B 126 26.47 6.65 0.35
C THR B 126 25.10 6.91 0.97
N PRO B 127 24.03 6.76 0.16
CA PRO B 127 22.64 7.01 0.56
C PRO B 127 22.16 6.11 1.70
N PHE B 128 21.06 6.48 2.37
CA PHE B 128 20.53 5.71 3.49
C PHE B 128 19.87 4.38 3.06
N GLY B 129 19.26 4.37 1.88
CA GLY B 129 18.61 3.18 1.36
C GLY B 129 19.54 1.98 1.29
N ILE B 130 20.79 2.23 0.92
CA ILE B 130 21.77 1.16 0.89
C ILE B 130 21.98 0.58 2.29
N PHE B 131 22.24 1.45 3.27
CA PHE B 131 22.36 0.98 4.66
C PHE B 131 21.12 0.25 5.16
N ILE B 132 19.95 0.58 4.60
CA ILE B 132 18.77 -0.22 4.84
C ILE B 132 18.98 -1.64 4.34
N VAL B 133 19.26 -1.79 3.04
CA VAL B 133 19.38 -3.13 2.48
C VAL B 133 20.50 -3.95 3.17
N ILE B 134 21.56 -3.26 3.58
CA ILE B 134 22.66 -3.94 4.24
C ILE B 134 22.24 -4.36 5.64
N ALA B 135 21.53 -3.49 6.36
CA ALA B 135 20.97 -3.85 7.66
C ALA B 135 20.04 -5.07 7.58
N LEU B 136 19.22 -5.14 6.55
CA LEU B 136 18.34 -6.28 6.38
C LEU B 136 19.12 -7.49 5.91
N LEU B 137 20.33 -7.28 5.41
CA LEU B 137 21.22 -8.40 5.06
C LEU B 137 22.11 -8.90 6.20
N CYS B 138 22.22 -8.15 7.30
CA CYS B 138 22.88 -8.65 8.51
C CYS B 138 21.89 -9.49 9.32
N GLY B 139 20.69 -9.66 8.77
CA GLY B 139 19.59 -10.23 9.51
C GLY B 139 19.30 -11.68 9.18
N PHE B 140 20.23 -12.34 8.50
CA PHE B 140 20.14 -13.79 8.32
C PHE B 140 20.94 -14.40 9.47
N ALA B 141 21.93 -13.62 9.88
CA ALA B 141 22.82 -13.96 10.97
C ALA B 141 22.07 -14.17 12.28
N GLY B 142 20.75 -13.96 12.24
CA GLY B 142 19.89 -14.21 13.38
C GLY B 142 18.95 -15.39 13.18
N ALA B 143 18.83 -15.83 11.93
CA ALA B 143 18.09 -17.05 11.63
C ALA B 143 19.02 -18.25 11.85
N ASN B 144 20.32 -17.95 11.81
CA ASN B 144 21.33 -18.95 12.15
C ASN B 144 21.15 -19.66 13.52
N PHE B 145 20.31 -19.13 14.40
CA PHE B 145 20.11 -19.75 15.70
C PHE B 145 19.09 -20.88 15.60
N ALA B 146 17.95 -20.58 14.99
CA ALA B 146 16.98 -21.62 14.70
C ALA B 146 17.62 -22.72 13.84
N SER B 147 18.56 -22.33 12.98
CA SER B 147 19.30 -23.34 12.22
C SER B 147 20.24 -24.19 13.09
N SER B 148 21.08 -23.51 13.87
CA SER B 148 22.17 -24.17 14.60
C SER B 148 21.71 -24.95 15.82
N MET B 149 20.48 -24.73 16.28
CA MET B 149 20.01 -25.43 17.47
C MET B 149 19.48 -26.85 17.20
N GLY B 150 18.53 -26.95 16.26
CA GLY B 150 17.95 -28.23 15.89
C GLY B 150 19.04 -29.18 15.43
N ASN B 151 20.06 -28.62 14.79
CA ASN B 151 21.18 -29.42 14.37
C ASN B 151 21.98 -29.99 15.53
N ILE B 152 22.08 -29.26 16.63
CA ILE B 152 22.77 -29.83 17.77
C ILE B 152 21.90 -30.91 18.37
N SER B 153 20.58 -30.70 18.40
CA SER B 153 19.66 -31.70 19.01
C SER B 153 19.84 -33.15 18.47
N PHE B 154 19.86 -33.28 17.14
CA PHE B 154 20.09 -34.55 16.45
C PHE B 154 21.33 -35.28 16.98
N PHE B 155 22.32 -34.55 17.47
CA PHE B 155 23.61 -35.14 17.79
C PHE B 155 23.74 -35.59 19.23
N PHE B 156 22.69 -35.47 20.02
CA PHE B 156 22.82 -35.86 21.42
C PHE B 156 21.72 -36.84 21.86
N PRO B 157 21.90 -37.52 23.00
CA PRO B 157 20.94 -38.58 23.32
C PRO B 157 19.55 -38.03 23.59
N LYS B 158 19.36 -37.50 24.80
CA LYS B 158 18.12 -36.88 25.24
C LYS B 158 18.42 -36.43 26.65
N ALA B 159 19.21 -37.24 27.33
CA ALA B 159 19.65 -36.94 28.69
C ALA B 159 20.86 -36.04 28.69
N LYS B 160 21.39 -35.74 27.51
CA LYS B 160 22.48 -34.76 27.39
C LYS B 160 22.12 -33.49 26.59
N GLN B 161 21.12 -33.60 25.72
CA GLN B 161 20.61 -32.49 24.92
C GLN B 161 20.42 -31.22 25.73
N GLY B 162 20.18 -31.38 27.02
CA GLY B 162 20.06 -30.23 27.91
C GLY B 162 21.35 -29.44 27.92
N SER B 163 22.41 -30.06 28.41
CA SER B 163 23.72 -29.43 28.46
C SER B 163 24.20 -28.96 27.08
N ALA B 164 23.71 -29.60 26.02
CA ALA B 164 24.22 -29.37 24.67
C ALA B 164 23.58 -28.18 23.98
N LEU B 165 22.26 -28.10 24.04
CA LEU B 165 21.57 -26.89 23.62
C LEU B 165 21.99 -25.73 24.54
N GLY B 166 22.26 -26.04 25.80
CA GLY B 166 22.78 -25.04 26.73
C GLY B 166 24.12 -24.48 26.30
N ILE B 167 25.07 -25.37 26.03
CA ILE B 167 26.38 -25.01 25.51
C ILE B 167 26.28 -24.19 24.22
N ASN B 168 25.56 -24.72 23.23
CA ASN B 168 25.43 -24.05 21.93
C ASN B 168 24.81 -22.66 22.02
N GLY B 169 23.69 -22.55 22.73
CA GLY B 169 23.06 -21.26 22.94
C GLY B 169 23.91 -20.29 23.74
N GLY B 170 24.16 -20.64 25.00
CA GLY B 170 24.89 -19.80 25.92
C GLY B 170 26.26 -19.37 25.44
N LEU B 171 26.85 -20.15 24.54
CA LEU B 171 28.14 -19.77 23.95
C LEU B 171 27.93 -18.94 22.70
N GLY B 172 26.84 -19.20 21.98
CA GLY B 172 26.57 -18.44 20.76
C GLY B 172 26.09 -17.02 21.03
N ASN B 173 25.47 -16.80 22.19
CA ASN B 173 25.05 -15.47 22.59
C ASN B 173 26.23 -14.61 23.03
N LEU B 174 27.44 -15.16 22.97
CA LEU B 174 28.63 -14.40 23.28
C LEU B 174 29.12 -13.61 22.07
N GLY B 175 28.49 -13.81 20.91
CA GLY B 175 28.94 -13.18 19.67
C GLY B 175 28.72 -11.67 19.64
N VAL B 176 27.59 -11.27 20.20
CA VAL B 176 27.30 -9.86 20.40
C VAL B 176 28.39 -9.26 21.28
N SER B 177 28.51 -9.72 22.52
CA SER B 177 29.52 -9.20 23.44
C SER B 177 30.92 -9.14 22.82
N VAL B 178 31.34 -10.25 22.22
CA VAL B 178 32.68 -10.32 21.65
C VAL B 178 32.84 -9.27 20.52
N MET B 179 31.85 -9.10 19.64
CA MET B 179 31.98 -8.08 18.58
C MET B 179 31.91 -6.62 19.05
N GLN B 180 31.08 -6.36 20.05
CA GLN B 180 31.02 -5.03 20.64
C GLN B 180 32.32 -4.70 21.33
N LEU B 181 33.05 -5.73 21.73
CA LEU B 181 34.34 -5.49 22.35
C LEU B 181 35.48 -5.33 21.33
N VAL B 182 35.43 -6.08 20.23
CA VAL B 182 36.52 -6.05 19.27
C VAL B 182 36.35 -4.95 18.24
N ALA B 183 35.13 -4.75 17.76
CA ALA B 183 34.86 -3.75 16.72
C ALA B 183 35.24 -2.29 17.01
N PRO B 184 35.19 -1.85 18.29
CA PRO B 184 35.69 -0.51 18.53
C PRO B 184 37.13 -0.58 19.00
N LEU B 185 37.89 -1.53 18.47
CA LEU B 185 39.32 -1.63 18.75
C LEU B 185 40.07 -1.68 17.43
N VAL B 186 39.60 -2.53 16.51
CA VAL B 186 40.21 -2.69 15.18
C VAL B 186 40.11 -1.42 14.34
N ILE B 187 39.17 -0.55 14.71
CA ILE B 187 38.92 0.72 14.04
C ILE B 187 40.12 1.66 14.03
N PHE B 188 40.78 1.76 15.18
CA PHE B 188 41.82 2.74 15.38
C PHE B 188 43.21 2.21 15.00
N VAL B 189 43.24 1.08 14.30
CA VAL B 189 44.46 0.64 13.64
C VAL B 189 44.22 0.27 12.17
N PRO B 190 45.24 0.50 11.32
CA PRO B 190 45.04 0.32 9.89
C PRO B 190 45.34 -1.12 9.44
N VAL B 191 44.69 -2.06 10.14
CA VAL B 191 44.75 -3.50 9.88
C VAL B 191 44.67 -3.84 8.40
N PHE B 192 43.83 -3.10 7.70
CA PHE B 192 43.44 -3.42 6.34
C PHE B 192 43.83 -2.32 5.35
N ALA B 193 44.91 -1.61 5.67
CA ALA B 193 45.42 -0.59 4.77
C ALA B 193 45.79 -1.19 3.41
N PHE B 194 46.29 -2.42 3.42
CA PHE B 194 46.79 -3.08 2.20
C PHE B 194 45.71 -3.37 1.15
N LEU B 195 44.45 -3.32 1.57
CA LEU B 195 43.36 -3.61 0.66
C LEU B 195 42.73 -2.32 0.14
N GLY B 196 42.87 -1.25 0.92
CA GLY B 196 42.37 0.05 0.51
C GLY B 196 41.54 0.72 1.58
N VAL B 197 41.92 0.51 2.84
CA VAL B 197 41.22 1.09 3.98
C VAL B 197 42.09 2.10 4.72
N ASN B 198 41.60 3.34 4.78
CA ASN B 198 42.27 4.42 5.48
C ASN B 198 41.24 5.39 6.00
N GLY B 199 41.40 5.78 7.26
CA GLY B 199 40.32 6.39 8.00
C GLY B 199 40.27 7.89 7.92
N VAL B 200 39.29 8.41 8.65
CA VAL B 200 38.99 9.84 8.71
C VAL B 200 39.48 10.30 10.07
N PRO B 201 40.31 11.35 10.12
CA PRO B 201 40.86 11.77 11.41
C PRO B 201 39.76 12.12 12.42
N GLN B 202 40.12 12.22 13.70
CA GLN B 202 39.12 12.52 14.73
C GLN B 202 39.53 13.72 15.56
N ALA B 203 38.59 14.22 16.35
CA ALA B 203 38.84 15.31 17.29
C ALA B 203 40.04 15.03 18.20
N ASP B 204 40.05 13.84 18.80
CA ASP B 204 41.02 13.48 19.83
C ASP B 204 42.47 13.28 19.34
N GLY B 205 42.64 12.99 18.05
CA GLY B 205 43.97 12.77 17.50
C GLY B 205 44.14 11.37 16.95
N SER B 206 43.03 10.64 16.91
CA SER B 206 43.04 9.27 16.39
C SER B 206 42.53 9.27 14.95
N VAL B 207 42.60 8.09 14.32
CA VAL B 207 42.05 7.88 12.98
C VAL B 207 41.05 6.71 13.00
N MET B 208 39.95 6.84 12.27
CA MET B 208 38.91 5.81 12.26
C MET B 208 38.74 5.09 10.93
N SER B 209 39.39 3.94 10.87
CA SER B 209 39.23 3.01 9.76
C SER B 209 38.07 2.13 10.15
N LEU B 210 36.87 2.46 9.66
CA LEU B 210 35.63 1.90 10.22
C LEU B 210 35.24 0.54 9.62
N ALA B 211 35.53 0.33 8.33
CA ALA B 211 35.28 -0.96 7.69
C ALA B 211 36.04 -2.08 8.40
N ASN B 212 37.02 -1.71 9.21
CA ASN B 212 37.69 -2.64 10.10
C ASN B 212 36.68 -3.43 10.92
N ALA B 213 35.78 -2.72 11.58
CA ALA B 213 34.70 -3.34 12.35
C ALA B 213 33.73 -4.15 11.49
N ALA B 214 33.82 -4.00 10.18
CA ALA B 214 32.96 -4.76 9.29
C ALA B 214 33.77 -5.68 8.41
N TRP B 215 35.08 -5.74 8.64
CA TRP B 215 35.90 -6.64 7.84
C TRP B 215 36.69 -7.70 8.62
N ILE B 216 36.95 -7.50 9.92
CA ILE B 216 37.60 -8.60 10.64
C ILE B 216 36.75 -9.85 10.52
N TRP B 217 35.44 -9.71 10.48
CA TRP B 217 34.57 -10.88 10.42
C TRP B 217 34.62 -11.60 9.07
N VAL B 218 35.43 -11.13 8.13
CA VAL B 218 35.56 -11.91 6.89
C VAL B 218 36.51 -13.13 6.95
N PRO B 219 37.80 -12.93 7.36
CA PRO B 219 38.69 -14.08 7.56
C PRO B 219 38.11 -15.14 8.50
N LEU B 220 37.51 -14.70 9.61
CA LEU B 220 36.94 -15.64 10.56
C LEU B 220 35.83 -16.45 9.92
N LEU B 221 34.79 -15.76 9.44
CA LEU B 221 33.65 -16.41 8.80
C LEU B 221 34.03 -17.34 7.63
N ALA B 222 35.24 -17.17 7.11
CA ALA B 222 35.75 -18.07 6.08
C ALA B 222 36.51 -19.19 6.76
N ILE B 223 37.32 -18.84 7.76
CA ILE B 223 38.02 -19.85 8.56
C ILE B 223 37.02 -20.88 9.09
N ALA B 224 35.85 -20.39 9.54
CA ALA B 224 34.85 -21.27 10.13
C ALA B 224 33.81 -21.81 9.14
N THR B 225 33.80 -21.35 7.88
CA THR B 225 32.97 -22.05 6.90
C THR B 225 33.73 -23.29 6.48
N ILE B 226 35.05 -23.15 6.41
CA ILE B 226 35.95 -24.23 6.06
C ILE B 226 35.95 -25.32 7.14
N ALA B 227 36.09 -24.90 8.40
CA ALA B 227 36.09 -25.82 9.53
C ALA B 227 34.82 -26.66 9.54
N ALA B 228 33.70 -26.02 9.25
CA ALA B 228 32.43 -26.72 9.21
C ALA B 228 32.20 -27.40 7.87
N TRP B 229 33.23 -27.40 7.01
CA TRP B 229 33.16 -28.18 5.79
C TRP B 229 34.03 -29.43 5.89
N SER B 230 34.88 -29.48 6.92
CA SER B 230 35.83 -30.57 7.11
C SER B 230 35.51 -31.41 8.34
N GLY B 231 34.77 -30.83 9.28
CA GLY B 231 34.56 -31.45 10.57
C GLY B 231 33.13 -31.65 11.04
N MET B 232 32.15 -31.26 10.23
CA MET B 232 30.74 -31.45 10.60
C MET B 232 30.10 -32.59 9.79
N ASN B 233 28.97 -33.14 10.27
CA ASN B 233 28.32 -34.28 9.60
C ASN B 233 26.81 -34.10 9.38
N ASP B 234 26.24 -34.94 8.50
CA ASP B 234 24.81 -34.95 8.20
C ASP B 234 24.16 -36.14 8.88
N ILE B 235 22.90 -36.03 9.28
CA ILE B 235 22.23 -37.19 9.91
C ILE B 235 20.88 -37.57 9.27
N ALA B 236 20.80 -38.79 8.76
CA ALA B 236 19.60 -39.27 8.08
C ALA B 236 18.61 -39.93 9.02
N LEU B 254 -1.76 -21.65 24.89
CA LEU B 254 -0.83 -22.75 24.66
C LEU B 254 0.55 -22.24 24.24
N TRP B 255 0.55 -21.10 23.54
CA TRP B 255 1.78 -20.50 23.03
C TRP B 255 2.10 -19.16 23.71
N LEU B 256 1.55 -18.96 24.91
CA LEU B 256 1.86 -17.78 25.70
C LEU B 256 3.21 -17.97 26.37
N LEU B 257 3.74 -19.17 26.25
CA LEU B 257 5.08 -19.48 26.73
C LEU B 257 6.11 -18.78 25.84
N SER B 258 5.62 -18.24 24.73
CA SER B 258 6.46 -17.49 23.81
C SER B 258 6.63 -16.04 24.26
N LEU B 259 5.54 -15.40 24.69
CA LEU B 259 5.61 -14.03 25.20
C LEU B 259 6.52 -13.91 26.43
N LEU B 260 6.80 -15.03 27.07
CA LEU B 260 7.78 -15.06 28.15
C LEU B 260 9.19 -15.01 27.54
N TYR B 261 9.40 -15.80 26.50
CA TYR B 261 10.72 -15.94 25.89
C TYR B 261 11.11 -14.68 25.15
N LEU B 262 10.10 -13.92 24.73
CA LEU B 262 10.28 -12.70 23.98
C LEU B 262 10.55 -11.57 24.96
N ALA B 263 10.03 -11.71 26.17
CA ALA B 263 10.15 -10.68 27.17
C ALA B 263 11.48 -10.74 27.87
N THR B 264 12.32 -11.68 27.46
CA THR B 264 13.60 -11.84 28.11
C THR B 264 14.76 -11.82 27.12
N PHE B 265 14.73 -12.71 26.13
CA PHE B 265 15.69 -12.70 25.04
C PHE B 265 15.45 -11.49 24.13
N GLY B 266 14.18 -11.18 23.88
CA GLY B 266 13.86 -9.98 23.13
C GLY B 266 14.40 -8.77 23.87
N SER B 267 14.48 -8.89 25.20
CA SER B 267 15.05 -7.83 26.01
C SER B 267 16.57 -7.91 25.97
N PHE B 268 17.12 -9.11 25.93
CA PHE B 268 18.57 -9.24 25.84
C PHE B 268 19.12 -8.56 24.59
N ILE B 269 18.63 -8.95 23.42
CA ILE B 269 19.16 -8.37 22.19
C ILE B 269 18.61 -6.97 21.92
N GLY B 270 17.33 -6.75 22.22
CA GLY B 270 16.76 -5.43 22.09
C GLY B 270 17.66 -4.44 22.82
N PHE B 271 17.84 -4.67 24.12
CA PHE B 271 18.73 -3.83 24.91
C PHE B 271 20.17 -3.83 24.39
N SER B 272 20.61 -4.93 23.80
CA SER B 272 21.96 -4.98 23.21
C SER B 272 22.16 -3.93 22.11
N ALA B 273 21.23 -3.88 21.17
CA ALA B 273 21.39 -3.01 20.00
C ALA B 273 20.90 -1.56 20.28
N GLY B 274 20.06 -1.44 21.30
CA GLY B 274 19.58 -0.14 21.69
C GLY B 274 20.56 0.60 22.57
N PHE B 275 21.23 -0.11 23.46
CA PHE B 275 22.03 0.55 24.48
C PHE B 275 23.06 1.57 23.98
N ALA B 276 23.91 1.21 23.03
CA ALA B 276 24.92 2.14 22.50
C ALA B 276 24.31 3.50 22.08
N MET B 277 23.32 3.44 21.17
CA MET B 277 22.62 4.65 20.73
C MET B 277 21.86 5.40 21.84
N LEU B 278 21.24 4.66 22.76
CA LEU B 278 20.50 5.28 23.86
C LEU B 278 21.42 6.04 24.79
N ALA B 279 22.55 5.45 25.14
CA ALA B 279 23.51 6.17 25.97
C ALA B 279 24.19 7.33 25.20
N LYS B 280 24.23 7.25 23.87
CA LYS B 280 24.89 8.33 23.16
C LYS B 280 24.00 9.56 23.05
N THR B 281 22.73 9.42 23.41
CA THR B 281 21.87 10.58 23.39
C THR B 281 21.73 11.21 24.76
N GLN B 282 21.84 10.42 25.82
CA GLN B 282 21.76 10.99 27.16
C GLN B 282 23.10 11.49 27.65
N PHE B 283 24.17 10.79 27.31
CA PHE B 283 25.50 11.22 27.68
C PHE B 283 26.39 11.16 26.46
N PRO B 284 26.51 12.29 25.76
CA PRO B 284 27.36 12.41 24.56
C PRO B 284 28.82 12.77 24.87
N ASP B 285 29.18 12.88 26.15
CA ASP B 285 30.54 13.24 26.54
C ASP B 285 31.43 12.04 26.77
N VAL B 286 30.84 10.85 26.76
CA VAL B 286 31.58 9.63 27.13
C VAL B 286 31.73 8.64 25.98
N ASN B 287 32.90 8.01 25.91
CA ASN B 287 33.18 6.94 24.95
C ASN B 287 32.47 5.69 25.46
N ILE B 288 31.32 5.38 24.87
CA ILE B 288 30.43 4.33 25.39
C ILE B 288 30.89 2.91 24.94
N LEU B 289 31.45 2.82 23.74
CA LEU B 289 31.94 1.54 23.23
C LEU B 289 33.04 0.96 24.12
N ARG B 290 33.78 1.82 24.81
CA ARG B 290 34.79 1.36 25.75
C ARG B 290 34.18 0.60 26.96
N LEU B 291 32.86 0.64 27.09
CA LEU B 291 32.20 -0.06 28.19
C LEU B 291 30.90 -0.73 27.74
N ALA B 292 30.56 -0.58 26.47
CA ALA B 292 29.26 -1.04 25.96
C ALA B 292 29.10 -2.55 25.94
N PHE B 293 30.24 -3.25 25.82
CA PHE B 293 30.29 -4.70 25.64
C PHE B 293 30.10 -5.43 26.97
N PHE B 294 30.69 -4.88 28.04
CA PHE B 294 30.63 -5.43 29.38
C PHE B 294 29.16 -5.51 29.85
N GLY B 295 28.25 -5.13 28.96
CA GLY B 295 26.83 -5.36 29.12
C GLY B 295 26.44 -6.80 28.85
N PRO B 296 26.29 -7.16 27.55
CA PRO B 296 25.86 -8.50 27.12
C PRO B 296 26.83 -9.65 27.50
N PHE B 297 28.01 -9.31 28.00
CA PHE B 297 28.98 -10.32 28.46
C PHE B 297 28.62 -10.78 29.88
N ILE B 298 27.70 -10.05 30.51
CA ILE B 298 27.15 -10.43 31.80
C ILE B 298 25.78 -11.07 31.54
N GLY B 299 25.22 -10.76 30.38
CA GLY B 299 23.93 -11.29 29.99
C GLY B 299 24.07 -12.71 29.49
N ALA B 300 25.21 -12.98 28.85
CA ALA B 300 25.51 -14.32 28.35
C ALA B 300 25.97 -15.27 29.46
N ILE B 301 26.85 -14.80 30.33
CA ILE B 301 27.22 -15.56 31.53
C ILE B 301 25.98 -15.83 32.39
N ALA B 302 25.23 -14.78 32.72
CA ALA B 302 24.00 -14.99 33.48
C ALA B 302 22.91 -15.71 32.68
N ARG B 303 23.13 -15.99 31.39
CA ARG B 303 22.21 -16.89 30.70
C ARG B 303 22.47 -18.36 31.07
N SER B 304 23.74 -18.70 31.32
CA SER B 304 24.07 -20.03 31.83
C SER B 304 23.76 -20.14 33.33
N VAL B 305 24.13 -19.11 34.09
CA VAL B 305 23.80 -19.05 35.52
C VAL B 305 22.29 -18.87 35.72
N GLY B 306 21.59 -18.55 34.64
CA GLY B 306 20.14 -18.55 34.62
C GLY B 306 19.57 -19.88 34.15
N GLY B 307 20.36 -20.62 33.38
CA GLY B 307 19.98 -21.94 32.92
C GLY B 307 20.11 -22.98 34.02
N ALA B 308 21.10 -22.80 34.89
CA ALA B 308 21.31 -23.72 36.02
C ALA B 308 20.25 -23.49 37.07
N ILE B 309 20.23 -22.31 37.68
CA ILE B 309 19.29 -21.97 38.74
C ILE B 309 17.81 -22.04 38.32
N SER B 310 17.51 -22.74 37.24
CA SER B 310 16.13 -22.94 36.79
C SER B 310 15.79 -24.43 36.87
N ASP B 311 16.81 -25.26 36.74
CA ASP B 311 16.67 -26.71 36.76
C ASP B 311 16.48 -27.20 38.20
N LYS B 312 17.01 -26.44 39.16
CA LYS B 312 16.95 -26.83 40.57
C LYS B 312 16.97 -25.63 41.52
N PHE B 313 15.94 -24.78 41.41
CA PHE B 313 15.69 -23.69 42.36
C PHE B 313 14.20 -23.38 42.36
N GLY B 314 13.51 -23.85 41.32
CA GLY B 314 12.07 -23.69 41.20
C GLY B 314 11.54 -24.08 39.83
N GLY B 315 11.96 -23.34 38.81
CA GLY B 315 11.47 -23.51 37.46
C GLY B 315 10.63 -22.31 37.02
N VAL B 316 9.32 -22.46 37.09
CA VAL B 316 8.40 -21.35 36.87
C VAL B 316 8.34 -20.52 38.15
N ARG B 317 9.51 -20.19 38.68
CA ARG B 317 9.63 -19.41 39.89
C ARG B 317 10.73 -18.38 39.75
N VAL B 318 11.86 -18.79 39.19
CA VAL B 318 12.97 -17.86 39.01
C VAL B 318 12.64 -16.84 37.95
N THR B 319 11.78 -17.21 37.01
CA THR B 319 11.23 -16.26 36.04
C THR B 319 10.49 -15.12 36.76
N LEU B 320 9.59 -15.46 37.69
CA LEU B 320 8.92 -14.45 38.49
C LEU B 320 9.89 -13.56 39.28
N ILE B 321 10.58 -14.11 40.27
CA ILE B 321 11.52 -13.31 41.08
C ILE B 321 12.47 -12.52 40.19
N ASN B 322 12.66 -13.00 38.96
CA ASN B 322 13.33 -12.21 37.94
C ASN B 322 12.53 -10.96 37.52
N PHE B 323 11.41 -11.14 36.80
CA PHE B 323 10.59 -10.01 36.32
C PHE B 323 10.30 -9.00 37.41
N ILE B 324 10.25 -9.48 38.65
CA ILE B 324 10.15 -8.62 39.81
C ILE B 324 11.36 -7.67 39.88
N PHE B 325 12.54 -8.14 39.47
CA PHE B 325 13.70 -7.25 39.38
C PHE B 325 13.83 -6.49 38.04
N MET B 326 13.43 -7.13 36.95
CA MET B 326 13.46 -6.49 35.63
C MET B 326 12.64 -5.22 35.66
N ALA B 327 11.42 -5.32 36.18
CA ALA B 327 10.53 -4.16 36.26
C ALA B 327 11.06 -3.07 37.20
N ILE B 328 11.75 -3.46 38.27
CA ILE B 328 12.33 -2.50 39.22
C ILE B 328 13.53 -1.77 38.64
N PHE B 329 14.35 -2.46 37.86
CA PHE B 329 15.45 -1.81 37.15
C PHE B 329 14.87 -0.90 36.08
N SER B 330 13.78 -1.37 35.47
CA SER B 330 13.08 -0.67 34.40
C SER B 330 12.51 0.67 34.89
N ALA B 331 11.96 0.65 36.10
CA ALA B 331 11.41 1.83 36.75
C ALA B 331 12.51 2.69 37.34
N LEU B 332 13.57 2.04 37.78
CA LEU B 332 14.75 2.71 38.34
C LEU B 332 15.43 3.57 37.28
N LEU B 333 15.31 3.13 36.03
CA LEU B 333 15.93 3.80 34.89
C LEU B 333 15.50 5.26 34.73
N PHE B 334 14.23 5.53 35.03
CA PHE B 334 13.69 6.86 34.98
C PHE B 334 14.45 7.77 35.93
N LEU B 335 15.01 7.22 37.00
CA LEU B 335 15.68 8.04 37.99
C LEU B 335 17.15 8.28 37.69
N THR B 336 17.66 7.64 36.63
CA THR B 336 19.06 7.79 36.26
C THR B 336 19.30 8.73 35.07
N LEU B 337 18.28 8.92 34.24
CA LEU B 337 18.38 9.77 33.04
C LEU B 337 18.87 11.17 33.36
N PRO B 338 19.35 11.91 32.35
CA PRO B 338 19.65 13.29 32.67
C PRO B 338 18.38 14.13 32.52
N GLY B 339 18.12 15.02 33.47
CA GLY B 339 16.88 15.79 33.48
C GLY B 339 15.87 15.14 34.42
N THR B 340 15.07 14.22 33.89
CA THR B 340 14.22 13.37 34.71
C THR B 340 15.11 12.55 35.62
N GLY B 341 15.30 13.02 36.84
CA GLY B 341 16.19 12.35 37.78
C GLY B 341 17.66 12.69 37.54
N SER B 342 18.50 12.43 38.55
CA SER B 342 19.91 12.80 38.49
C SER B 342 20.67 12.19 37.32
N GLY B 343 21.24 13.05 36.48
CA GLY B 343 22.06 12.60 35.38
C GLY B 343 23.42 12.13 35.86
N ASN B 344 23.50 10.87 36.28
CA ASN B 344 24.75 10.28 36.75
C ASN B 344 25.08 9.00 35.98
N PHE B 345 25.94 9.14 34.98
CA PHE B 345 26.21 8.07 34.01
C PHE B 345 26.51 6.70 34.64
N ILE B 346 27.22 6.69 35.76
CA ILE B 346 27.54 5.44 36.44
C ILE B 346 26.27 4.77 36.94
N ALA B 347 25.31 5.57 37.40
CA ALA B 347 24.06 5.00 37.88
C ALA B 347 23.28 4.41 36.70
N PHE B 348 23.24 5.18 35.62
CA PHE B 348 22.61 4.76 34.37
C PHE B 348 23.20 3.41 33.90
N TYR B 349 24.50 3.27 34.09
CA TYR B 349 25.25 2.10 33.65
C TYR B 349 25.06 0.88 34.56
N ALA B 350 24.88 1.12 35.86
CA ALA B 350 24.59 0.03 36.79
C ALA B 350 23.18 -0.48 36.56
N VAL B 351 22.22 0.44 36.48
CA VAL B 351 20.84 0.03 36.23
C VAL B 351 20.72 -0.71 34.90
N PHE B 352 21.37 -0.21 33.85
CA PHE B 352 21.34 -0.96 32.60
C PHE B 352 22.10 -2.30 32.71
N MET B 353 23.08 -2.36 33.62
CA MET B 353 23.78 -3.61 33.88
C MET B 353 22.82 -4.66 34.42
N GLY B 354 22.13 -4.32 35.50
CA GLY B 354 21.12 -5.20 36.05
C GLY B 354 20.00 -5.52 35.06
N LEU B 355 19.82 -4.66 34.07
CA LEU B 355 18.82 -4.93 33.03
C LEU B 355 19.28 -6.04 32.08
N PHE B 356 20.53 -5.95 31.62
CA PHE B 356 21.09 -7.02 30.80
C PHE B 356 21.13 -8.32 31.59
N LEU B 357 21.62 -8.22 32.82
CA LEU B 357 21.76 -9.36 33.73
C LEU B 357 20.44 -10.10 33.86
N THR B 358 19.39 -9.37 34.23
CA THR B 358 18.10 -10.03 34.41
C THR B 358 17.48 -10.53 33.10
N ALA B 359 17.73 -9.82 32.01
CA ALA B 359 17.28 -10.30 30.70
C ALA B 359 17.97 -11.63 30.37
N GLY B 360 19.16 -11.81 30.91
CA GLY B 360 19.95 -13.02 30.74
C GLY B 360 19.56 -14.21 31.59
N LEU B 361 19.47 -14.02 32.91
CA LEU B 361 18.93 -15.06 33.78
C LEU B 361 17.58 -15.50 33.22
N GLY B 362 16.69 -14.54 32.98
CA GLY B 362 15.37 -14.85 32.49
C GLY B 362 15.35 -15.61 31.18
N SER B 363 16.20 -15.19 30.25
CA SER B 363 16.33 -15.89 28.96
C SER B 363 16.93 -17.28 29.09
N GLY B 364 17.67 -17.51 30.18
CA GLY B 364 18.23 -18.82 30.46
C GLY B 364 17.24 -19.78 31.11
N SER B 365 16.35 -19.23 31.93
CA SER B 365 15.34 -20.04 32.63
C SER B 365 14.09 -20.29 31.78
N THR B 366 13.89 -19.48 30.74
CA THR B 366 12.72 -19.67 29.87
C THR B 366 12.84 -20.84 28.88
N PHE B 367 13.96 -21.56 28.93
CA PHE B 367 14.12 -22.80 28.15
C PHE B 367 13.89 -24.01 29.05
N GLN B 368 14.24 -23.87 30.33
CA GLN B 368 14.01 -24.93 31.31
C GLN B 368 12.52 -25.11 31.55
N MET B 369 11.75 -24.08 31.21
CA MET B 369 10.30 -24.12 31.37
C MET B 369 9.65 -24.55 30.07
N ILE B 370 10.40 -24.39 28.97
CA ILE B 370 9.91 -24.76 27.65
C ILE B 370 10.16 -26.24 27.29
N ALA B 371 11.37 -26.73 27.56
CA ALA B 371 11.72 -28.13 27.28
C ALA B 371 11.08 -29.14 28.27
N VAL B 372 9.99 -28.70 28.88
CA VAL B 372 9.25 -29.49 29.84
C VAL B 372 7.78 -29.31 29.52
N ILE B 373 7.27 -28.08 29.68
CA ILE B 373 5.88 -27.75 29.41
C ILE B 373 5.60 -27.57 27.93
N LEU B 404 10.30 -25.44 18.70
CA LEU B 404 11.19 -24.56 19.44
C LEU B 404 11.43 -23.26 18.68
N GLY B 405 11.82 -23.40 17.42
CA GLY B 405 12.16 -22.27 16.57
C GLY B 405 11.02 -21.30 16.37
N PHE B 406 9.80 -21.80 16.46
CA PHE B 406 8.59 -20.99 16.33
C PHE B 406 8.47 -19.96 17.46
N ILE B 407 9.12 -20.24 18.59
CA ILE B 407 9.16 -19.29 19.68
C ILE B 407 10.43 -18.43 19.63
N SER B 408 11.53 -19.01 19.14
CA SER B 408 12.76 -18.23 18.96
C SER B 408 12.53 -17.06 17.97
N ALA B 409 11.78 -17.35 16.90
CA ALA B 409 11.36 -16.34 15.94
C ALA B 409 10.62 -15.19 16.62
N ILE B 410 9.54 -15.51 17.34
CA ILE B 410 8.80 -14.48 18.07
C ILE B 410 9.70 -13.73 19.06
N GLY B 411 10.68 -14.43 19.61
CA GLY B 411 11.53 -13.84 20.63
C GLY B 411 12.61 -12.94 20.08
N ALA B 412 12.89 -13.06 18.79
CA ALA B 412 13.80 -12.10 18.14
C ALA B 412 13.04 -10.85 17.63
N VAL B 413 11.82 -10.65 18.12
CA VAL B 413 11.06 -9.47 17.73
C VAL B 413 11.41 -8.31 18.67
N GLY B 414 11.83 -8.65 19.89
CA GLY B 414 12.26 -7.66 20.86
C GLY B 414 13.45 -6.86 20.35
N GLY B 415 14.35 -7.56 19.67
CA GLY B 415 15.50 -6.93 19.06
C GLY B 415 15.11 -5.82 18.12
N PHE B 416 13.95 -5.93 17.48
CA PHE B 416 13.49 -4.93 16.53
C PHE B 416 12.69 -3.84 17.22
N PHE B 417 11.71 -4.26 18.01
CA PHE B 417 10.88 -3.36 18.78
C PHE B 417 11.70 -2.37 19.60
N ILE B 418 12.44 -2.82 20.61
CA ILE B 418 13.13 -1.89 21.51
C ILE B 418 13.94 -0.72 20.88
N PRO B 419 14.78 -0.98 19.88
CA PRO B 419 15.44 0.21 19.30
C PRO B 419 14.53 1.07 18.42
N GLN B 420 13.56 0.44 17.76
CA GLN B 420 12.63 1.18 16.91
C GLN B 420 11.73 2.07 17.76
N ALA B 421 11.56 1.72 19.03
CA ALA B 421 10.73 2.52 19.95
C ALA B 421 11.53 3.66 20.59
N PHE B 422 12.77 3.38 21.02
CA PHE B 422 13.68 4.45 21.41
C PHE B 422 13.71 5.45 20.27
N GLY B 423 13.88 4.95 19.05
CA GLY B 423 13.86 5.79 17.87
C GLY B 423 12.59 6.63 17.75
N MET B 424 11.44 5.98 17.95
CA MET B 424 10.16 6.64 17.76
C MET B 424 9.75 7.60 18.88
N SER B 425 10.32 7.44 20.07
CA SER B 425 9.99 8.38 21.16
C SER B 425 11.05 9.48 21.28
N LEU B 426 12.26 9.19 20.78
CA LEU B 426 13.32 10.18 20.67
C LEU B 426 13.02 11.09 19.47
N ASN B 427 12.15 10.58 18.61
CA ASN B 427 11.65 11.33 17.46
C ASN B 427 10.47 12.20 17.89
N MET B 428 9.27 11.62 17.80
CA MET B 428 8.02 12.28 18.21
C MET B 428 8.15 13.27 19.37
N THR B 429 8.90 12.91 20.41
CA THR B 429 8.99 13.76 21.59
C THR B 429 10.42 14.19 21.95
N GLY B 430 11.41 13.45 21.45
CA GLY B 430 12.80 13.74 21.74
C GLY B 430 13.38 13.04 22.97
N SER B 431 12.64 12.10 23.54
CA SER B 431 13.04 11.50 24.82
C SER B 431 12.83 9.98 24.95
N PRO B 432 13.76 9.29 25.65
CA PRO B 432 13.70 7.87 26.00
C PRO B 432 12.41 7.47 26.71
N VAL B 433 11.90 8.37 27.55
CA VAL B 433 10.75 8.12 28.41
C VAL B 433 9.51 7.69 27.63
N GLY B 434 9.36 8.22 26.42
CA GLY B 434 8.23 7.87 25.59
C GLY B 434 8.16 6.40 25.25
N ALA B 435 9.28 5.70 25.37
CA ALA B 435 9.33 4.26 25.09
C ALA B 435 9.54 3.45 26.37
N MET B 436 10.40 3.94 27.25
CA MET B 436 10.67 3.26 28.52
C MET B 436 9.42 2.92 29.34
N LYS B 437 8.49 3.87 29.42
CA LYS B 437 7.22 3.63 30.08
C LYS B 437 6.56 2.39 29.52
N VAL B 438 6.60 2.23 28.20
CA VAL B 438 6.05 1.04 27.55
C VAL B 438 6.69 -0.23 28.10
N PHE B 439 8.01 -0.23 28.22
CA PHE B 439 8.73 -1.36 28.80
C PHE B 439 8.17 -1.67 30.19
N LEU B 440 7.91 -0.63 30.98
CA LEU B 440 7.49 -0.85 32.35
C LEU B 440 6.12 -1.53 32.44
N ILE B 441 5.15 -1.03 31.68
CA ILE B 441 3.84 -1.68 31.65
C ILE B 441 4.00 -3.09 31.09
N PHE B 442 5.06 -3.31 30.32
CA PHE B 442 5.32 -4.64 29.77
C PHE B 442 5.97 -5.60 30.75
N TYR B 443 6.61 -5.08 31.80
CA TYR B 443 7.22 -5.99 32.77
C TYR B 443 6.25 -6.31 33.89
N ILE B 444 5.51 -5.29 34.31
CA ILE B 444 4.41 -5.51 35.25
C ILE B 444 3.49 -6.59 34.70
N VAL B 445 3.00 -6.41 33.47
CA VAL B 445 2.11 -7.39 32.83
C VAL B 445 2.76 -8.77 32.81
N CYS B 446 4.09 -8.81 32.78
CA CYS B 446 4.76 -10.12 32.86
C CYS B 446 4.68 -10.71 34.27
N VAL B 447 5.03 -9.90 35.28
CA VAL B 447 4.96 -10.35 36.67
C VAL B 447 3.57 -10.92 36.91
N LEU B 448 2.58 -10.17 36.45
CA LEU B 448 1.19 -10.59 36.49
C LEU B 448 0.96 -11.87 35.69
N LEU B 449 1.37 -11.89 34.42
CA LEU B 449 1.06 -13.04 33.59
C LEU B 449 1.81 -14.28 34.05
N THR B 450 2.83 -14.11 34.89
CA THR B 450 3.53 -15.27 35.43
C THR B 450 2.85 -15.77 36.71
N TRP B 451 2.03 -14.92 37.32
CA TRP B 451 1.21 -15.33 38.46
C TRP B 451 -0.04 -16.08 38.02
N LEU B 452 -0.67 -15.59 36.95
CA LEU B 452 -1.83 -16.27 36.36
C LEU B 452 -1.48 -17.61 35.69
N VAL B 453 -0.18 -17.93 35.59
CA VAL B 453 0.24 -19.22 35.04
C VAL B 453 0.68 -20.19 36.13
N TYR B 454 1.09 -19.65 37.28
CA TYR B 454 1.52 -20.50 38.40
C TYR B 454 0.47 -20.57 39.53
#